data_3BRW
#
_entry.id   3BRW
#
_cell.length_a   209.723
_cell.length_b   209.723
_cell.length_c   108.217
_cell.angle_alpha   90.00
_cell.angle_beta   90.00
_cell.angle_gamma   120.00
#
_symmetry.space_group_name_H-M   'P 31 2 1'
#
loop_
_entity.id
_entity.type
_entity.pdbx_description
1 polymer 'Rap1 GTPase-activating protein 1'
2 polymer 'Ras-related protein Rap-1b'
3 non-polymer 'MAGNESIUM ION'
4 non-polymer 'BERYLLIUM TRIFLUORIDE ION'
5 non-polymer "GUANOSINE-5'-DIPHOSPHATE"
6 water water
#
loop_
_entity_poly.entity_id
_entity_poly.type
_entity_poly.pdbx_seq_one_letter_code
_entity_poly.pdbx_strand_id
1 'polypeptide(L)'
;PTTKVKLECNPTARIYRKHFLGKEHFNYYSLDTALGHLVFSLKYDVIGDQEHLRLLLRTKCRTYHDVIPISCLTEFPNVV
QMAKLVCEDVNVDRFYPVLYPKASRLIVTFDEHVISNNFKFGVIYQKLGATSEEELFSTNEESPAFVEFLEFLGQKVKLQ
DFKGFRGGLDVTHGQTGTESVYCNFRNKEIMFHVSTKLPYTEGDAQQLQRKRHIGNDIVAVVFQDENTPFVPDMIASNFL
HAYVVVQAEGGGPDGPLYKVSVTARDDVPFFGPPLPDPAVFRKGPEFQEFLLTKLINAEYACYKAEKFAKLEERTRAALL
ETLYEELHIHSQSMMGLGGDE
;
A,B,C
2 'polypeptide(L)'
;MREYKLVVLGSGGVGKSALTVQFVQGIFVEKYDPTIEDSYRKQVEVDAQQCMLEILDTAGTEQFTAMRDLYMKNGQGFAL
VYSITAQSTFNDLQDLREQILRVKDTDDVPMILVGNKCDLEDERVVGKEQGQNLARQWNNCAFLESSAKSKINVNEIFYD
LVRQINR
;
D
#
# COMPACT_ATOMS: atom_id res chain seq x y z
N THR A 2 -21.83 -3.00 32.11
CA THR A 2 -20.93 -2.03 32.78
C THR A 2 -19.72 -2.73 33.39
N THR A 3 -18.52 -2.20 33.12
CA THR A 3 -17.28 -2.72 33.72
C THR A 3 -16.56 -1.69 34.61
N LYS A 4 -16.68 -0.41 34.27
CA LYS A 4 -16.16 0.74 35.05
C LYS A 4 -14.64 0.89 35.05
N VAL A 5 -14.19 2.15 35.04
CA VAL A 5 -12.77 2.49 35.10
C VAL A 5 -12.25 2.39 36.54
N LYS A 6 -10.95 2.10 36.68
CA LYS A 6 -10.31 1.95 37.99
C LYS A 6 -10.42 3.19 38.88
N LEU A 7 -10.39 2.99 40.19
CA LEU A 7 -10.29 4.09 41.14
C LEU A 7 -8.88 4.62 41.04
N GLU A 8 -8.74 5.94 41.07
CA GLU A 8 -7.44 6.59 40.88
C GLU A 8 -6.53 6.57 42.11
N CYS A 9 -6.47 5.43 42.78
CA CYS A 9 -5.47 5.23 43.83
C CYS A 9 -4.12 5.10 43.14
N ASN A 10 -3.06 5.15 43.92
CA ASN A 10 -1.72 4.99 43.37
C ASN A 10 -1.59 3.67 42.60
N PRO A 11 -1.45 3.74 41.25
CA PRO A 11 -1.52 2.55 40.40
C PRO A 11 -0.48 1.49 40.75
N THR A 12 0.69 1.95 41.20
CA THR A 12 1.81 1.05 41.48
C THR A 12 1.60 0.18 42.72
N ALA A 13 0.56 0.48 43.50
CA ALA A 13 0.26 -0.31 44.69
C ALA A 13 -0.31 -1.68 44.35
N ARG A 14 -1.31 -1.69 43.46
CA ARG A 14 -2.03 -2.93 43.15
C ARG A 14 -1.31 -3.87 42.20
N ILE A 15 -0.05 -3.57 41.89
CA ILE A 15 0.74 -4.44 41.01
C ILE A 15 0.89 -5.82 41.64
N TYR A 16 1.55 -5.86 42.80
CA TYR A 16 1.81 -7.12 43.48
C TYR A 16 0.57 -8.00 43.48
N ARG A 17 -0.53 -7.40 43.90
CA ARG A 17 -1.85 -8.02 43.91
C ARG A 17 -2.17 -8.82 42.65
N LYS A 18 -2.02 -8.20 41.49
CA LYS A 18 -2.54 -8.80 40.26
C LYS A 18 -1.52 -9.55 39.39
N HIS A 19 -0.26 -9.53 39.79
CA HIS A 19 0.81 -10.18 39.02
C HIS A 19 1.53 -11.28 39.80
N PHE A 20 1.76 -11.02 41.08
CA PHE A 20 2.58 -11.89 41.93
C PHE A 20 1.74 -12.81 42.82
N LEU A 21 0.67 -12.27 43.39
CA LEU A 21 -0.13 -13.01 44.34
C LEU A 21 -0.83 -14.18 43.69
N GLY A 22 -0.56 -15.37 44.22
CA GLY A 22 -1.25 -16.58 43.78
C GLY A 22 -0.64 -17.22 42.56
N LYS A 23 0.52 -16.71 42.17
CA LYS A 23 1.28 -17.24 41.06
C LYS A 23 2.72 -17.43 41.54
N GLU A 24 3.55 -18.09 40.74
CA GLU A 24 4.92 -18.37 41.15
C GLU A 24 5.79 -17.13 41.11
N HIS A 25 6.28 -16.72 42.28
CA HIS A 25 7.30 -15.69 42.35
C HIS A 25 8.41 -15.99 43.37
N PHE A 26 9.25 -14.99 43.66
CA PHE A 26 10.26 -15.07 44.70
C PHE A 26 10.31 -13.76 45.47
N ASN A 27 10.50 -13.85 46.78
CA ASN A 27 10.63 -12.67 47.61
C ASN A 27 11.94 -12.68 48.38
N TYR A 28 12.68 -11.59 48.30
CA TYR A 28 13.97 -11.47 48.97
C TYR A 28 14.02 -10.21 49.83
N TYR A 29 14.81 -10.28 50.89
CA TYR A 29 15.06 -9.14 51.75
C TYR A 29 16.55 -8.99 52.03
N SER A 30 17.00 -7.76 52.20
CA SER A 30 18.38 -7.49 52.57
C SER A 30 18.50 -6.15 53.30
N LEU A 31 19.68 -5.89 53.85
CA LEU A 31 19.94 -4.64 54.56
C LEU A 31 20.99 -3.78 53.84
N ASP A 32 20.50 -2.77 53.13
CA ASP A 32 21.36 -1.73 52.57
C ASP A 32 21.44 -0.60 53.59
N THR A 33 22.67 -0.26 53.97
CA THR A 33 22.90 0.85 54.92
C THR A 33 22.82 2.21 54.23
N ALA A 34 22.63 2.19 52.91
CA ALA A 34 22.48 3.40 52.09
C ALA A 34 21.03 3.81 51.87
N LEU A 35 20.13 2.82 51.75
CA LEU A 35 18.73 3.09 51.42
C LEU A 35 17.73 2.61 52.47
N GLY A 36 18.14 1.64 53.30
CA GLY A 36 17.32 1.15 54.41
C GLY A 36 17.01 -0.32 54.34
N HIS A 37 15.89 -0.72 54.94
CA HIS A 37 15.38 -2.10 54.80
C HIS A 37 14.89 -2.27 53.36
N LEU A 38 15.11 -3.46 52.79
CA LEU A 38 14.69 -3.75 51.42
C LEU A 38 13.85 -5.03 51.30
N VAL A 39 12.63 -4.89 50.77
CA VAL A 39 11.74 -6.02 50.50
C VAL A 39 11.39 -6.06 49.01
N PHE A 40 11.94 -7.05 48.31
CA PHE A 40 11.98 -7.05 46.85
C PHE A 40 11.49 -8.37 46.26
N SER A 41 10.50 -8.26 45.38
CA SER A 41 9.87 -9.41 44.76
C SER A 41 10.34 -9.56 43.32
N LEU A 42 10.16 -10.75 42.75
CA LEU A 42 10.44 -10.97 41.32
C LEU A 42 9.66 -12.14 40.71
N LYS A 43 9.16 -11.94 39.50
CA LYS A 43 8.41 -12.95 38.76
C LYS A 43 8.97 -13.13 37.36
N TYR A 44 9.31 -14.38 37.02
CA TYR A 44 9.71 -14.72 35.66
C TYR A 44 8.44 -15.11 34.92
N ASP A 45 8.17 -14.43 33.81
CA ASP A 45 6.94 -14.64 33.03
C ASP A 45 7.21 -14.54 31.53
N VAL A 46 6.28 -15.07 30.73
CA VAL A 46 6.37 -15.00 29.27
C VAL A 46 5.09 -14.41 28.72
N ILE A 47 5.20 -13.50 27.75
CA ILE A 47 4.03 -13.11 26.95
C ILE A 47 4.29 -13.49 25.50
N GLY A 48 3.46 -14.38 24.97
CA GLY A 48 3.69 -14.99 23.66
C GLY A 48 4.85 -15.97 23.76
N ASP A 49 5.99 -15.57 23.22
CA ASP A 49 7.24 -16.33 23.39
C ASP A 49 8.33 -15.41 23.92
N GLN A 50 8.04 -14.12 23.94
CA GLN A 50 8.94 -13.12 24.49
C GLN A 50 8.96 -13.18 26.00
N GLU A 51 10.11 -13.50 26.55
CA GLU A 51 10.27 -13.69 27.99
C GLU A 51 10.65 -12.40 28.67
N HIS A 52 9.88 -12.03 29.68
CA HIS A 52 10.22 -10.88 30.50
C HIS A 52 10.38 -11.29 31.97
N LEU A 53 10.61 -10.31 32.84
CA LEU A 53 10.99 -10.56 34.22
C LEU A 53 10.54 -9.38 35.08
N ARG A 54 9.33 -9.46 35.63
CA ARG A 54 8.75 -8.34 36.38
C ARG A 54 9.39 -8.16 37.76
N LEU A 55 9.98 -6.99 38.00
CA LEU A 55 10.65 -6.71 39.27
C LEU A 55 9.92 -5.67 40.11
N LEU A 56 10.00 -5.80 41.43
CA LEU A 56 9.33 -4.92 42.35
C LEU A 56 10.10 -4.83 43.66
N LEU A 57 10.79 -3.71 43.86
CA LEU A 57 11.63 -3.49 45.03
C LEU A 57 11.07 -2.38 45.90
N ARG A 58 10.98 -2.64 47.21
CA ARG A 58 10.45 -1.68 48.17
C ARG A 58 11.53 -1.14 49.12
N THR A 59 11.62 0.18 49.18
CA THR A 59 12.59 0.85 50.05
C THR A 59 11.93 1.50 51.27
N LYS A 60 12.77 1.91 52.21
CA LYS A 60 12.39 2.67 53.39
C LYS A 60 11.62 3.95 53.01
N CYS A 61 11.29 4.10 51.74
CA CYS A 61 10.97 5.41 51.19
C CYS A 61 10.03 5.38 49.98
N ARG A 62 10.37 4.55 49.01
CA ARG A 62 9.65 4.48 47.73
C ARG A 62 9.36 3.01 47.42
N THR A 63 8.89 2.72 46.22
CA THR A 63 8.77 1.33 45.74
C THR A 63 8.94 1.24 44.21
N TYR A 64 10.05 0.65 43.79
CA TYR A 64 10.45 0.67 42.37
C TYR A 64 9.97 -0.53 41.56
N HIS A 65 9.39 -0.24 40.41
CA HIS A 65 8.87 -1.27 39.49
C HIS A 65 9.41 -1.08 38.07
N ASP A 66 9.79 -2.19 37.42
CA ASP A 66 10.11 -2.21 35.99
C ASP A 66 10.12 -3.63 35.42
N VAL A 67 9.71 -3.75 34.16
CA VAL A 67 9.73 -5.02 33.45
C VAL A 67 11.02 -5.13 32.65
N ILE A 68 11.68 -6.28 32.76
CA ILE A 68 12.95 -6.49 32.07
C ILE A 68 12.87 -7.71 31.18
N PRO A 69 13.08 -7.53 29.86
CA PRO A 69 13.06 -8.65 28.95
C PRO A 69 14.32 -9.49 29.07
N ILE A 70 14.22 -10.77 28.74
CA ILE A 70 15.38 -11.67 28.74
C ILE A 70 15.21 -12.72 27.63
N SER A 71 16.23 -12.88 26.81
CA SER A 71 16.18 -13.80 25.67
C SER A 71 16.47 -15.23 26.14
N CYS A 72 17.14 -16.01 25.31
CA CYS A 72 17.91 -17.13 25.82
C CYS A 72 19.27 -16.58 26.20
N LEU A 73 19.23 -15.40 26.83
CA LEU A 73 20.38 -14.69 27.36
C LEU A 73 21.12 -15.59 28.36
N THR A 74 20.59 -16.81 28.49
CA THR A 74 21.17 -17.96 29.24
C THR A 74 21.60 -17.68 30.69
N GLU A 75 22.32 -16.58 30.87
CA GLU A 75 22.58 -16.03 32.20
C GLU A 75 21.25 -15.58 32.79
N PHE A 76 20.93 -16.08 33.96
CA PHE A 76 19.87 -15.51 34.76
C PHE A 76 20.50 -14.52 35.72
N PRO A 77 20.30 -13.22 35.49
CA PRO A 77 20.91 -12.23 36.36
C PRO A 77 20.67 -12.61 37.81
N ASN A 78 21.75 -12.74 38.59
CA ASN A 78 21.65 -13.10 39.99
C ASN A 78 20.90 -12.03 40.76
N VAL A 79 20.37 -12.40 41.91
CA VAL A 79 19.41 -11.55 42.63
C VAL A 79 19.93 -10.15 42.98
N VAL A 80 21.25 -10.02 43.16
CA VAL A 80 21.87 -8.72 43.43
C VAL A 80 21.90 -7.88 42.17
N GLN A 81 22.36 -8.47 41.05
CA GLN A 81 22.35 -7.82 39.74
C GLN A 81 20.94 -7.37 39.38
N MET A 82 19.99 -8.28 39.54
CA MET A 82 18.59 -8.01 39.23
C MET A 82 18.06 -6.81 39.99
N ALA A 83 18.33 -6.78 41.29
CA ALA A 83 17.94 -5.66 42.12
C ALA A 83 18.48 -4.36 41.53
N LYS A 84 19.74 -4.38 41.13
CA LYS A 84 20.41 -3.22 40.57
C LYS A 84 19.85 -2.81 39.21
N LEU A 85 19.16 -3.73 38.54
CA LEU A 85 18.55 -3.45 37.22
C LEU A 85 17.21 -2.71 37.30
N VAL A 86 16.67 -2.56 38.52
CA VAL A 86 15.44 -1.79 38.75
C VAL A 86 15.66 -0.65 39.75
N CYS A 87 16.80 -0.69 40.43
CA CYS A 87 17.23 0.41 41.31
C CYS A 87 18.76 0.42 41.43
N GLU A 88 19.38 1.43 40.83
CA GLU A 88 20.84 1.48 40.67
C GLU A 88 21.60 1.81 41.97
N ASP A 89 21.00 2.62 42.83
CA ASP A 89 21.62 3.01 44.10
C ASP A 89 21.72 1.87 45.12
N VAL A 90 21.12 0.72 44.79
CA VAL A 90 21.21 -0.47 45.61
C VAL A 90 22.63 -1.02 45.63
N ASN A 91 23.16 -1.16 46.84
CA ASN A 91 24.50 -1.67 47.04
C ASN A 91 24.53 -2.60 48.25
N VAL A 92 24.15 -3.87 48.03
CA VAL A 92 24.17 -4.87 49.11
C VAL A 92 25.03 -6.06 48.71
N ASP A 93 25.55 -6.78 49.71
CA ASP A 93 26.42 -7.95 49.50
C ASP A 93 25.66 -9.10 48.83
N ARG A 94 24.55 -9.50 49.45
CA ARG A 94 23.65 -10.48 48.88
C ARG A 94 22.23 -10.27 49.43
N PHE A 95 21.24 -10.86 48.75
CA PHE A 95 19.86 -10.89 49.25
C PHE A 95 19.56 -12.23 49.91
N TYR A 96 18.78 -12.20 50.97
CA TYR A 96 18.35 -13.42 51.64
C TYR A 96 16.92 -13.77 51.20
N PRO A 97 16.65 -15.07 50.94
CA PRO A 97 15.33 -15.48 50.45
C PRO A 97 14.28 -15.55 51.56
N VAL A 98 13.06 -15.13 51.23
CA VAL A 98 11.92 -15.22 52.15
C VAL A 98 11.32 -16.61 52.01
N LEU A 99 11.09 -17.26 53.14
CA LEU A 99 10.68 -18.66 53.16
C LEU A 99 9.42 -18.91 54.00
N TYR A 100 8.86 -17.82 54.53
CA TYR A 100 7.64 -17.86 55.34
C TYR A 100 6.41 -18.00 54.45
N PRO A 101 5.72 -19.15 54.51
CA PRO A 101 4.60 -19.44 53.61
C PRO A 101 3.41 -18.48 53.73
N LYS A 102 3.43 -17.60 54.72
CA LYS A 102 2.38 -16.60 54.89
C LYS A 102 2.84 -15.26 54.31
N ALA A 103 4.12 -15.18 53.95
CA ALA A 103 4.78 -13.94 53.52
C ALA A 103 4.04 -13.15 52.46
N SER A 104 3.57 -13.84 51.43
CA SER A 104 2.88 -13.20 50.31
C SER A 104 1.69 -12.38 50.79
N ARG A 105 1.07 -12.80 51.89
CA ARG A 105 -0.09 -12.10 52.42
C ARG A 105 0.33 -10.88 53.26
N LEU A 106 1.47 -10.98 53.95
CA LEU A 106 2.06 -9.83 54.66
C LEU A 106 2.52 -8.75 53.70
N ILE A 107 3.07 -9.17 52.57
CA ILE A 107 3.57 -8.27 51.54
C ILE A 107 2.44 -7.53 50.83
N VAL A 108 1.46 -8.26 50.31
CA VAL A 108 0.34 -7.65 49.59
C VAL A 108 -0.38 -6.64 50.47
N THR A 109 -0.34 -6.86 51.77
CA THR A 109 -1.07 -6.03 52.70
C THR A 109 -0.31 -4.74 53.00
N PHE A 110 1.01 -4.77 52.79
CA PHE A 110 1.87 -3.58 52.92
C PHE A 110 1.78 -2.67 51.71
N ASP A 111 1.70 -3.26 50.52
CA ASP A 111 1.59 -2.50 49.28
C ASP A 111 0.23 -1.86 49.12
N GLU A 112 -0.79 -2.55 49.63
CA GLU A 112 -2.17 -2.12 49.45
C GLU A 112 -2.71 -1.35 50.66
N HIS A 113 -1.82 -0.67 51.37
CA HIS A 113 -2.21 0.14 52.53
C HIS A 113 -2.51 1.61 52.15
N VAL A 114 -2.08 2.02 50.95
CA VAL A 114 -2.39 3.36 50.43
C VAL A 114 -3.69 3.35 49.61
N ILE A 115 -4.28 2.16 49.47
CA ILE A 115 -5.64 2.02 48.98
C ILE A 115 -6.50 1.85 50.22
N SER A 116 -7.57 2.63 50.33
CA SER A 116 -8.47 2.52 51.49
C SER A 116 -9.85 1.94 51.14
N ASN A 117 -10.43 1.20 52.08
CA ASN A 117 -11.70 0.50 51.89
C ASN A 117 -12.92 1.34 52.26
N ASN A 118 -12.71 2.37 53.07
CA ASN A 118 -13.80 3.23 53.52
C ASN A 118 -13.47 4.71 53.49
N PHE A 119 -14.50 5.52 53.31
CA PHE A 119 -14.33 6.96 53.15
C PHE A 119 -15.32 7.74 53.97
N LYS A 120 -14.83 8.80 54.59
CA LYS A 120 -15.67 9.76 55.30
C LYS A 120 -15.63 11.08 54.54
N PHE A 121 -16.75 11.47 53.95
CA PHE A 121 -16.85 12.74 53.22
C PHE A 121 -17.74 13.72 53.97
N GLY A 122 -17.69 15.00 53.60
CA GLY A 122 -18.55 16.00 54.22
C GLY A 122 -19.60 16.54 53.27
N VAL A 123 -20.73 16.96 53.82
CA VAL A 123 -21.76 17.64 53.05
C VAL A 123 -22.13 18.96 53.75
N ILE A 124 -22.15 20.05 52.97
CA ILE A 124 -22.44 21.39 53.49
C ILE A 124 -23.48 22.05 52.60
N TYR A 125 -24.45 22.73 53.23
CA TYR A 125 -25.44 23.51 52.49
C TYR A 125 -25.16 25.02 52.50
N GLN A 126 -25.06 25.59 51.30
CA GLN A 126 -24.83 27.02 51.11
C GLN A 126 -26.13 27.70 50.69
N LYS A 127 -26.74 28.44 51.62
CA LYS A 127 -28.06 29.07 51.41
C LYS A 127 -27.96 30.54 50.96
N LEU A 128 -29.11 31.09 50.53
CA LEU A 128 -29.28 32.51 50.14
C LEU A 128 -28.12 33.05 49.29
N GLY A 129 -27.08 33.57 49.95
CA GLY A 129 -25.85 34.05 49.32
C GLY A 129 -24.74 34.09 50.35
N ALA A 130 -24.55 32.96 51.05
CA ALA A 130 -23.62 32.84 52.17
C ALA A 130 -22.16 32.99 51.77
N THR A 131 -21.32 33.37 52.73
CA THR A 131 -19.91 33.68 52.48
C THR A 131 -18.98 33.18 53.59
N SER A 132 -19.37 33.41 54.83
CA SER A 132 -18.55 33.09 56.00
C SER A 132 -18.68 31.62 56.42
N GLU A 133 -18.02 31.26 57.52
CA GLU A 133 -18.14 29.91 58.08
C GLU A 133 -19.51 29.69 58.69
N GLU A 134 -19.83 30.50 59.70
CA GLU A 134 -21.02 30.30 60.52
C GLU A 134 -22.33 30.40 59.75
N GLU A 135 -22.35 31.21 58.69
CA GLU A 135 -23.49 31.28 57.78
C GLU A 135 -23.88 29.89 57.29
N LEU A 136 -22.87 29.06 57.03
CA LEU A 136 -23.08 27.71 56.52
C LEU A 136 -23.37 26.71 57.64
N PHE A 137 -22.44 26.60 58.58
CA PHE A 137 -22.47 25.56 59.62
C PHE A 137 -23.62 25.63 60.61
N SER A 138 -24.44 26.68 60.53
CA SER A 138 -25.57 26.85 61.46
C SER A 138 -26.93 26.63 60.79
N THR A 139 -26.91 26.44 59.47
CA THR A 139 -28.14 26.25 58.69
C THR A 139 -28.95 25.06 59.21
N ASN A 140 -30.16 25.37 59.70
CA ASN A 140 -31.12 24.36 60.09
C ASN A 140 -32.28 24.36 59.11
N GLU A 141 -32.96 23.21 59.01
CA GLU A 141 -34.06 23.00 58.07
C GLU A 141 -33.61 23.07 56.60
N GLU A 142 -33.88 22.00 55.87
CA GLU A 142 -33.37 21.81 54.50
C GLU A 142 -34.18 22.52 53.42
N SER A 143 -33.47 22.92 52.37
CA SER A 143 -34.06 23.36 51.11
C SER A 143 -34.87 22.21 50.48
N PRO A 144 -35.90 22.54 49.68
CA PRO A 144 -36.60 21.49 48.92
C PRO A 144 -35.67 20.64 48.05
N ALA A 145 -34.71 21.30 47.39
CA ALA A 145 -33.77 20.64 46.48
C ALA A 145 -32.76 19.76 47.23
N PHE A 146 -32.32 20.24 48.39
CA PHE A 146 -31.34 19.54 49.24
C PHE A 146 -31.89 18.21 49.76
N VAL A 147 -33.18 18.19 50.14
CA VAL A 147 -33.84 16.97 50.60
C VAL A 147 -33.88 15.93 49.48
N GLU A 148 -34.30 16.36 48.29
CA GLU A 148 -34.34 15.53 47.09
C GLU A 148 -32.94 14.98 46.76
N PHE A 149 -31.93 15.82 46.97
CA PHE A 149 -30.54 15.50 46.68
C PHE A 149 -29.96 14.43 47.61
N LEU A 150 -30.30 14.51 48.89
CA LEU A 150 -29.74 13.61 49.91
C LEU A 150 -30.19 12.15 49.79
N GLU A 151 -31.45 11.94 49.42
CA GLU A 151 -31.99 10.59 49.25
C GLU A 151 -31.52 9.94 47.95
N PHE A 152 -31.24 10.77 46.95
CA PHE A 152 -30.67 10.31 45.68
C PHE A 152 -29.20 9.93 45.82
N LEU A 153 -28.44 10.74 46.56
CA LEU A 153 -27.01 10.53 46.73
C LEU A 153 -26.71 9.25 47.51
N GLY A 154 -27.51 8.98 48.54
CA GLY A 154 -27.35 7.78 49.36
C GLY A 154 -28.59 7.41 50.13
N GLN A 155 -28.56 6.25 50.75
CA GLN A 155 -29.67 5.79 51.59
C GLN A 155 -29.57 6.38 52.99
N LYS A 156 -30.70 6.80 53.55
CA LYS A 156 -30.77 7.26 54.94
C LYS A 156 -30.59 6.06 55.87
N VAL A 157 -29.93 6.27 57.01
CA VAL A 157 -29.71 5.20 57.99
C VAL A 157 -29.72 5.70 59.44
N LYS A 158 -30.44 4.98 60.30
CA LYS A 158 -30.46 5.28 61.73
C LYS A 158 -29.09 4.97 62.31
N LEU A 159 -28.51 5.94 63.01
CA LEU A 159 -27.18 5.80 63.60
C LEU A 159 -27.20 4.98 64.89
N GLN A 160 -28.35 4.93 65.54
CA GLN A 160 -28.50 4.38 66.90
C GLN A 160 -28.14 2.89 67.09
N ASP A 161 -28.11 2.13 66.00
CA ASP A 161 -27.60 0.75 66.02
C ASP A 161 -27.02 0.33 64.66
N PHE A 162 -26.00 1.06 64.24
CA PHE A 162 -25.39 0.89 62.92
C PHE A 162 -24.25 -0.14 62.93
N LYS A 163 -24.30 -1.07 61.98
CA LYS A 163 -23.34 -2.20 61.90
C LYS A 163 -22.12 -1.94 61.03
N GLY A 164 -22.25 -1.04 60.06
CA GLY A 164 -21.18 -0.78 59.10
C GLY A 164 -20.11 0.18 59.59
N PHE A 165 -19.40 0.77 58.64
CA PHE A 165 -18.40 1.79 58.91
C PHE A 165 -19.10 3.06 59.40
N ARG A 166 -18.66 3.55 60.56
CA ARG A 166 -19.28 4.71 61.20
C ARG A 166 -18.59 6.00 60.78
N GLY A 167 -17.26 5.99 60.77
CA GLY A 167 -16.49 7.17 60.39
C GLY A 167 -16.49 8.21 61.47
N GLY A 168 -16.24 7.77 62.71
CA GLY A 168 -16.14 8.67 63.85
C GLY A 168 -17.46 9.07 64.48
N LEU A 169 -18.57 8.71 63.84
CA LEU A 169 -19.92 9.02 64.34
C LEU A 169 -20.32 8.15 65.52
N ASP A 170 -21.45 8.46 66.15
CA ASP A 170 -21.90 7.74 67.34
C ASP A 170 -23.07 6.76 67.11
N VAL A 171 -22.79 5.50 67.42
CA VAL A 171 -23.77 4.42 67.32
C VAL A 171 -24.53 4.21 68.64
N THR A 172 -23.78 3.89 69.70
CA THR A 172 -24.35 3.43 70.97
C THR A 172 -25.05 4.54 71.78
N HIS A 173 -24.33 5.62 72.07
CA HIS A 173 -24.88 6.74 72.86
C HIS A 173 -25.75 7.71 72.05
N GLY A 174 -25.57 7.75 70.73
CA GLY A 174 -26.28 8.68 69.86
C GLY A 174 -25.91 10.15 70.08
N GLN A 175 -24.62 10.38 70.39
CA GLN A 175 -24.10 11.74 70.62
C GLN A 175 -23.99 12.60 69.36
N THR A 176 -23.84 11.94 68.21
CA THR A 176 -23.56 12.64 66.95
C THR A 176 -24.63 12.39 65.90
N GLY A 177 -25.66 13.23 65.91
CA GLY A 177 -26.70 13.18 64.90
C GLY A 177 -27.77 12.14 65.18
N THR A 178 -29.00 12.46 64.80
CA THR A 178 -30.12 11.53 64.86
C THR A 178 -30.01 10.47 63.74
N GLU A 179 -29.91 10.95 62.49
CA GLU A 179 -29.73 10.11 61.30
C GLU A 179 -28.52 10.58 60.48
N SER A 180 -28.18 9.82 59.43
CA SER A 180 -27.09 10.21 58.52
C SER A 180 -27.32 9.68 57.10
N VAL A 181 -26.34 9.92 56.22
CA VAL A 181 -26.37 9.37 54.86
C VAL A 181 -25.11 8.54 54.61
N TYR A 182 -25.31 7.35 54.05
CA TYR A 182 -24.25 6.35 53.84
C TYR A 182 -24.62 5.49 52.64
N CYS A 183 -23.60 5.01 51.93
CA CYS A 183 -23.78 4.01 50.88
C CYS A 183 -22.55 3.15 50.63
N ASN A 184 -22.80 1.98 50.04
CA ASN A 184 -21.80 1.01 49.65
C ASN A 184 -21.56 1.15 48.15
N PHE A 185 -20.41 1.70 47.76
CA PHE A 185 -20.19 2.04 46.36
C PHE A 185 -19.61 0.90 45.52
N ARG A 186 -18.29 0.75 45.54
CA ARG A 186 -17.70 -0.43 44.95
C ARG A 186 -17.67 -1.43 46.08
N ASN A 187 -16.52 -2.02 46.35
CA ASN A 187 -16.37 -2.78 47.58
C ASN A 187 -15.91 -1.82 48.67
N LYS A 188 -16.22 -0.54 48.45
CA LYS A 188 -15.87 0.54 49.35
C LYS A 188 -17.11 1.01 50.12
N GLU A 189 -16.89 1.40 51.38
CA GLU A 189 -17.94 1.95 52.25
C GLU A 189 -17.78 3.45 52.46
N ILE A 190 -18.80 4.22 52.10
CA ILE A 190 -18.76 5.68 52.20
C ILE A 190 -19.75 6.21 53.23
N MET A 191 -19.24 6.97 54.21
CA MET A 191 -20.07 7.62 55.22
C MET A 191 -19.97 9.13 55.09
N PHE A 192 -21.12 9.79 54.95
CA PHE A 192 -21.16 11.24 54.84
C PHE A 192 -21.39 11.91 56.19
N HIS A 193 -20.78 13.08 56.37
CA HIS A 193 -21.08 13.92 57.51
C HIS A 193 -21.87 15.13 57.02
N VAL A 194 -23.20 15.00 57.03
CA VAL A 194 -24.09 16.10 56.67
C VAL A 194 -24.23 17.02 57.88
N SER A 195 -23.98 18.32 57.65
CA SER A 195 -24.00 19.33 58.72
C SER A 195 -25.37 19.41 59.37
N THR A 196 -26.41 19.46 58.54
CA THR A 196 -27.79 19.59 58.99
C THR A 196 -28.25 18.41 59.84
N LYS A 197 -27.76 17.21 59.53
CA LYS A 197 -28.12 16.00 60.28
C LYS A 197 -27.33 15.88 61.58
N LEU A 198 -26.18 16.54 61.63
CA LEU A 198 -25.30 16.56 62.80
C LEU A 198 -25.83 17.50 63.90
N PRO A 199 -25.50 17.21 65.19
CA PRO A 199 -26.13 17.93 66.30
C PRO A 199 -25.79 19.42 66.36
N TYR A 200 -26.77 20.22 66.81
CA TYR A 200 -26.65 21.68 66.88
C TYR A 200 -26.44 22.17 68.32
N THR A 201 -25.48 23.07 68.49
CA THR A 201 -25.23 23.72 69.77
C THR A 201 -25.78 25.16 69.72
N GLU A 202 -26.40 25.59 70.82
CA GLU A 202 -27.04 26.92 70.90
C GLU A 202 -26.08 28.03 71.35
N GLY A 203 -25.86 29.00 70.46
CA GLY A 203 -24.95 30.13 70.74
C GLY A 203 -23.51 29.94 70.27
N ASP A 204 -23.17 28.71 69.90
CA ASP A 204 -21.83 28.34 69.42
C ASP A 204 -21.52 29.02 68.09
N ALA A 205 -20.38 29.70 68.02
CA ALA A 205 -19.95 30.42 66.82
C ALA A 205 -19.40 29.46 65.75
N GLN A 206 -18.41 28.65 66.12
CA GLN A 206 -17.78 27.73 65.19
C GLN A 206 -18.64 26.48 64.90
N GLN A 207 -19.68 26.27 65.71
CA GLN A 207 -20.53 25.07 65.67
C GLN A 207 -19.70 23.78 65.76
N LEU A 208 -18.94 23.67 66.85
CA LEU A 208 -17.92 22.63 67.01
C LEU A 208 -18.43 21.19 66.86
N GLN A 209 -19.67 20.95 67.28
CA GLN A 209 -20.28 19.61 67.20
C GLN A 209 -20.48 19.12 65.76
N ARG A 210 -20.66 20.08 64.84
CA ARG A 210 -20.73 19.80 63.41
C ARG A 210 -19.36 19.89 62.75
N LYS A 211 -18.53 20.80 63.24
CA LYS A 211 -17.24 21.12 62.63
C LYS A 211 -16.12 20.15 63.04
N ARG A 212 -16.41 19.26 63.99
CA ARG A 212 -15.43 18.27 64.41
C ARG A 212 -15.30 17.16 63.36
N HIS A 213 -16.40 16.88 62.68
CA HIS A 213 -16.44 15.82 61.68
C HIS A 213 -16.04 16.34 60.30
N ILE A 214 -16.76 17.35 59.80
CA ILE A 214 -16.48 17.93 58.48
C ILE A 214 -15.10 18.59 58.42
N GLY A 215 -14.62 19.04 59.58
CA GLY A 215 -13.30 19.63 59.69
C GLY A 215 -12.17 18.63 59.60
N ASN A 216 -12.44 17.38 59.97
CA ASN A 216 -11.44 16.32 59.86
C ASN A 216 -11.53 15.52 58.57
N ASP A 217 -12.48 15.92 57.73
CA ASP A 217 -12.63 15.35 56.41
C ASP A 217 -11.59 15.93 55.46
N ILE A 218 -11.20 15.13 54.47
CA ILE A 218 -10.24 15.54 53.46
C ILE A 218 -10.98 16.19 52.28
N VAL A 219 -12.12 15.61 51.91
CA VAL A 219 -12.92 16.11 50.81
C VAL A 219 -14.37 16.27 51.26
N ALA A 220 -15.10 17.17 50.61
CA ALA A 220 -16.50 17.43 50.94
C ALA A 220 -17.32 17.94 49.76
N VAL A 221 -18.62 17.65 49.80
CA VAL A 221 -19.57 18.16 48.82
C VAL A 221 -20.09 19.51 49.30
N VAL A 222 -20.45 20.38 48.35
CA VAL A 222 -21.10 21.66 48.66
C VAL A 222 -22.33 21.81 47.76
N PHE A 223 -23.51 21.82 48.39
CA PHE A 223 -24.78 21.94 47.68
C PHE A 223 -25.34 23.36 47.75
N GLN A 224 -25.52 23.98 46.59
CA GLN A 224 -26.01 25.35 46.48
C GLN A 224 -27.41 25.38 45.87
N ASP A 225 -28.06 26.55 45.90
CA ASP A 225 -29.31 26.75 45.18
C ASP A 225 -29.16 27.80 44.07
N GLU A 226 -28.58 28.95 44.40
CA GLU A 226 -28.15 29.94 43.38
C GLU A 226 -26.67 29.75 43.08
N ASN A 227 -26.14 30.62 42.22
CA ASN A 227 -24.74 30.51 41.81
C ASN A 227 -23.80 31.33 42.70
N THR A 228 -23.88 31.10 44.02
CA THR A 228 -23.05 31.83 44.97
C THR A 228 -21.63 31.26 45.00
N PRO A 229 -20.61 32.10 44.66
CA PRO A 229 -19.21 31.70 44.58
C PRO A 229 -18.64 31.05 45.85
N PHE A 230 -17.60 30.24 45.68
CA PHE A 230 -17.01 29.46 46.76
C PHE A 230 -15.51 29.21 46.56
N VAL A 231 -14.75 29.32 47.65
CA VAL A 231 -13.30 29.05 47.68
C VAL A 231 -12.94 28.17 48.89
N PRO A 232 -11.74 27.55 48.89
CA PRO A 232 -11.33 26.74 50.05
C PRO A 232 -10.99 27.56 51.30
N ASP A 233 -11.23 28.87 51.23
CA ASP A 233 -10.88 29.79 52.31
C ASP A 233 -12.07 30.18 53.16
N MET A 234 -13.29 30.03 52.63
CA MET A 234 -14.51 30.31 53.39
C MET A 234 -14.49 29.52 54.70
N ILE A 235 -13.88 28.33 54.65
CA ILE A 235 -13.77 27.41 55.79
C ILE A 235 -12.30 27.19 56.15
N ALA A 236 -12.02 27.20 57.46
CA ALA A 236 -10.66 27.01 57.97
C ALA A 236 -10.47 25.61 58.56
N SER A 237 -9.64 24.82 57.88
CA SER A 237 -9.41 23.41 58.25
C SER A 237 -8.04 22.96 57.78
N ASN A 238 -7.34 22.24 58.66
CA ASN A 238 -6.05 21.64 58.33
C ASN A 238 -6.14 20.37 57.50
N PHE A 239 -7.37 19.87 57.32
CA PHE A 239 -7.61 18.57 56.68
C PHE A 239 -8.33 18.66 55.33
N LEU A 240 -9.28 19.58 55.21
CA LEU A 240 -10.03 19.77 53.96
C LEU A 240 -9.14 20.34 52.86
N HIS A 241 -9.02 19.61 51.76
CA HIS A 241 -8.15 20.00 50.65
C HIS A 241 -8.86 20.07 49.30
N ALA A 242 -10.08 19.54 49.23
CA ALA A 242 -10.81 19.50 47.96
C ALA A 242 -12.33 19.55 48.15
N TYR A 243 -13.01 20.26 47.25
CA TYR A 243 -14.46 20.42 47.35
C TYR A 243 -15.13 20.20 46.00
N VAL A 244 -16.29 19.57 46.01
CA VAL A 244 -17.10 19.40 44.81
C VAL A 244 -18.36 20.27 44.92
N VAL A 245 -18.48 21.23 44.02
CA VAL A 245 -19.61 22.14 44.00
C VAL A 245 -20.78 21.56 43.20
N VAL A 246 -21.95 21.49 43.84
CA VAL A 246 -23.18 21.02 43.20
C VAL A 246 -24.28 22.07 43.39
N GLN A 247 -24.94 22.43 42.29
CA GLN A 247 -25.96 23.49 42.29
C GLN A 247 -27.19 23.07 41.49
N ALA A 248 -28.38 23.36 42.01
CA ALA A 248 -29.64 22.98 41.35
C ALA A 248 -30.06 23.96 40.25
N GLU A 249 -30.99 23.51 39.40
CA GLU A 249 -31.52 24.31 38.30
C GLU A 249 -33.03 24.11 38.12
N GLY A 250 -33.71 25.14 37.59
CA GLY A 250 -35.13 25.05 37.24
C GLY A 250 -35.35 24.71 35.78
N GLY A 251 -34.30 24.22 35.12
CA GLY A 251 -34.34 23.89 33.68
C GLY A 251 -34.43 22.40 33.37
N GLY A 252 -35.11 21.65 34.23
CA GLY A 252 -35.33 20.22 34.02
C GLY A 252 -36.75 19.77 34.30
N PRO A 253 -37.59 19.62 33.25
CA PRO A 253 -38.97 19.10 33.35
C PRO A 253 -39.04 17.70 33.98
N ASP A 254 -38.00 16.88 33.75
CA ASP A 254 -37.82 15.59 34.42
C ASP A 254 -36.44 15.56 35.07
N GLY A 255 -36.41 15.72 36.40
CA GLY A 255 -35.16 15.82 37.16
C GLY A 255 -34.47 17.17 37.02
N PRO A 256 -34.22 17.86 38.16
CA PRO A 256 -33.47 19.12 38.14
C PRO A 256 -32.05 18.96 37.56
N LEU A 257 -31.60 19.94 36.77
CA LEU A 257 -30.23 19.95 36.24
C LEU A 257 -29.26 20.38 37.32
N TYR A 258 -28.11 19.69 37.41
CA TYR A 258 -27.08 20.05 38.38
C TYR A 258 -25.83 20.59 37.70
N LYS A 259 -25.51 21.86 37.95
CA LYS A 259 -24.24 22.44 37.49
C LYS A 259 -23.13 22.05 38.46
N VAL A 260 -22.09 21.40 37.93
CA VAL A 260 -21.04 20.81 38.74
C VAL A 260 -19.68 21.37 38.41
N SER A 261 -18.86 21.59 39.44
CA SER A 261 -17.50 22.09 39.27
C SER A 261 -16.64 21.74 40.48
N VAL A 262 -15.33 21.67 40.26
CA VAL A 262 -14.38 21.37 41.33
C VAL A 262 -13.80 22.65 41.94
N THR A 263 -13.25 22.54 43.15
CA THR A 263 -12.47 23.61 43.76
C THR A 263 -11.25 23.02 44.46
N ALA A 264 -10.14 23.03 43.75
CA ALA A 264 -8.90 22.47 44.24
C ALA A 264 -8.22 23.43 45.20
N ARG A 265 -7.22 22.92 45.91
CA ARG A 265 -6.15 23.76 46.41
C ARG A 265 -4.97 23.49 45.49
N ASP A 266 -4.24 24.55 45.12
CA ASP A 266 -3.05 24.43 44.26
C ASP A 266 -1.97 23.56 44.93
N ASP A 267 -2.43 22.63 45.75
CA ASP A 267 -1.60 21.65 46.42
C ASP A 267 -1.92 20.28 45.81
N VAL A 268 -3.16 20.11 45.35
CA VAL A 268 -3.65 18.83 44.82
C VAL A 268 -3.61 18.77 43.30
N PRO A 269 -3.21 17.60 42.75
CA PRO A 269 -3.19 17.37 41.31
C PRO A 269 -4.57 17.35 40.66
N PHE A 270 -4.57 17.18 39.34
CA PHE A 270 -5.76 16.90 38.55
C PHE A 270 -6.20 15.49 38.91
N PHE A 271 -7.52 15.27 38.97
CA PHE A 271 -8.06 13.99 39.44
C PHE A 271 -9.42 13.67 38.83
N GLY A 272 -9.93 12.50 39.18
CA GLY A 272 -11.32 12.11 38.93
C GLY A 272 -11.68 11.94 37.48
N PRO A 273 -12.87 11.35 37.21
CA PRO A 273 -13.37 11.31 35.84
C PRO A 273 -13.49 12.73 35.29
N PRO A 274 -13.10 12.93 34.01
CA PRO A 274 -13.17 14.26 33.39
C PRO A 274 -14.58 14.85 33.42
N LEU A 275 -14.67 16.16 33.66
CA LEU A 275 -15.94 16.88 33.75
C LEU A 275 -16.52 17.13 32.35
N PRO A 276 -17.80 16.72 32.12
CA PRO A 276 -18.44 16.89 30.81
C PRO A 276 -18.41 18.32 30.28
N ASP A 277 -18.50 18.45 28.95
CA ASP A 277 -18.42 19.75 28.28
C ASP A 277 -19.61 20.68 28.54
N PRO A 278 -20.83 20.12 28.72
CA PRO A 278 -21.87 20.97 29.29
C PRO A 278 -21.57 21.37 30.74
N ALA A 279 -21.10 20.42 31.54
CA ALA A 279 -20.91 20.55 32.99
C ALA A 279 -22.24 20.43 33.75
N VAL A 280 -23.19 19.74 33.12
CA VAL A 280 -24.52 19.50 33.68
C VAL A 280 -24.72 17.99 33.87
N PHE A 281 -25.69 17.60 34.70
CA PHE A 281 -25.90 16.20 35.05
C PHE A 281 -27.35 15.74 35.25
N ARG A 282 -27.50 14.41 35.28
CA ARG A 282 -28.78 13.70 35.49
C ARG A 282 -29.40 13.92 36.87
N LYS A 283 -30.52 13.26 37.13
CA LYS A 283 -31.08 13.16 38.48
C LYS A 283 -31.03 11.70 38.97
N GLY A 284 -30.81 10.76 38.03
CA GLY A 284 -30.79 9.33 38.34
C GLY A 284 -29.42 8.73 38.64
N PRO A 285 -29.33 7.38 38.70
CA PRO A 285 -28.12 6.65 39.14
C PRO A 285 -26.92 6.91 38.25
N GLU A 286 -27.17 7.46 37.06
CA GLU A 286 -26.14 7.91 36.14
C GLU A 286 -25.11 8.81 36.84
N PHE A 287 -25.57 10.00 37.25
CA PHE A 287 -24.73 11.01 37.91
C PHE A 287 -24.19 10.54 39.27
N GLN A 288 -25.03 9.86 40.04
CA GLN A 288 -24.65 9.38 41.37
C GLN A 288 -23.35 8.58 41.34
N GLU A 289 -23.25 7.68 40.37
CA GLU A 289 -22.09 6.82 40.22
C GLU A 289 -20.85 7.66 39.95
N PHE A 290 -21.01 8.70 39.13
CA PHE A 290 -19.93 9.63 38.82
C PHE A 290 -19.43 10.31 40.09
N LEU A 291 -20.33 11.00 40.78
CA LEU A 291 -19.96 11.84 41.91
C LEU A 291 -19.07 11.13 42.92
N LEU A 292 -19.46 9.91 43.28
CA LEU A 292 -18.74 9.13 44.28
C LEU A 292 -17.34 8.72 43.82
N THR A 293 -17.20 8.43 42.54
CA THR A 293 -15.89 8.16 41.95
C THR A 293 -15.03 9.42 42.02
N LYS A 294 -15.65 10.56 41.74
CA LYS A 294 -14.97 11.86 41.78
C LYS A 294 -14.48 12.21 43.18
N LEU A 295 -15.29 11.88 44.19
CA LEU A 295 -14.91 12.10 45.59
C LEU A 295 -13.82 11.14 46.05
N ILE A 296 -13.94 9.87 45.66
CA ILE A 296 -12.94 8.88 46.02
C ILE A 296 -11.60 9.20 45.36
N ASN A 297 -11.64 9.50 44.06
CA ASN A 297 -10.46 9.95 43.33
C ASN A 297 -9.91 11.26 43.87
N ALA A 298 -10.80 12.09 44.41
CA ALA A 298 -10.43 13.36 45.02
C ALA A 298 -9.55 13.18 46.25
N GLU A 299 -9.98 12.28 47.16
CA GLU A 299 -9.21 12.00 48.35
C GLU A 299 -7.85 11.42 47.97
N TYR A 300 -7.84 10.44 47.07
CA TYR A 300 -6.60 9.83 46.58
C TYR A 300 -5.64 10.87 45.97
N ALA A 301 -6.21 11.96 45.44
CA ALA A 301 -5.43 13.08 44.93
C ALA A 301 -4.75 13.83 46.07
N CYS A 302 -5.46 14.02 47.18
CA CYS A 302 -4.94 14.73 48.33
C CYS A 302 -3.85 13.94 49.06
N TYR A 303 -3.92 12.61 48.98
CA TYR A 303 -2.88 11.74 49.54
C TYR A 303 -1.49 12.16 49.06
N LYS A 304 -1.44 12.68 47.82
CA LYS A 304 -0.20 13.11 47.20
C LYS A 304 0.19 14.53 47.60
N ALA A 305 -0.78 15.31 48.09
CA ALA A 305 -0.57 16.70 48.49
C ALA A 305 0.37 16.85 49.70
N GLU A 306 0.84 18.08 49.91
CA GLU A 306 1.86 18.44 50.90
C GLU A 306 1.67 17.83 52.31
N LYS A 307 0.53 18.11 52.92
CA LYS A 307 0.30 17.76 54.32
C LYS A 307 0.37 16.26 54.57
N PHE A 308 -0.34 15.48 53.75
CA PHE A 308 -0.47 14.03 53.94
C PHE A 308 0.76 13.23 53.53
N ALA A 309 1.47 13.71 52.51
CA ALA A 309 2.67 13.04 52.00
C ALA A 309 3.78 13.07 53.05
N LYS A 310 3.85 14.17 53.80
CA LYS A 310 4.80 14.33 54.90
C LYS A 310 4.57 13.25 55.98
N LEU A 311 3.31 13.09 56.38
CA LEU A 311 2.93 12.08 57.37
C LEU A 311 3.16 10.67 56.82
N GLU A 312 2.76 10.46 55.56
CA GLU A 312 2.87 9.16 54.89
C GLU A 312 4.31 8.65 54.85
N GLU A 313 5.26 9.57 54.72
CA GLU A 313 6.69 9.25 54.68
C GLU A 313 7.13 8.44 55.90
N ARG A 314 6.67 8.86 57.08
CA ARG A 314 7.05 8.22 58.33
C ARG A 314 6.26 6.92 58.54
N THR A 315 5.00 6.90 58.11
CA THR A 315 4.16 5.70 58.20
C THR A 315 4.80 4.57 57.42
N ARG A 316 5.15 4.86 56.17
CA ARG A 316 5.67 3.86 55.22
C ARG A 316 6.91 3.18 55.77
N ALA A 317 7.88 3.97 56.22
CA ALA A 317 9.13 3.45 56.76
C ALA A 317 8.91 2.57 57.98
N ALA A 318 7.98 3.00 58.84
CA ALA A 318 7.64 2.27 60.07
C ALA A 318 6.95 0.94 59.76
N LEU A 319 6.02 0.96 58.80
CA LEU A 319 5.32 -0.25 58.35
C LEU A 319 6.24 -1.19 57.58
N LEU A 320 7.29 -0.64 56.96
CA LEU A 320 8.28 -1.46 56.30
C LEU A 320 9.13 -2.20 57.33
N GLU A 321 9.62 -1.49 58.35
CA GLU A 321 10.37 -2.14 59.42
C GLU A 321 9.52 -3.25 60.04
N THR A 322 8.25 -2.96 60.33
CA THR A 322 7.29 -3.98 60.78
C THR A 322 7.41 -5.23 59.91
N LEU A 323 7.24 -5.06 58.60
CA LEU A 323 7.30 -6.17 57.65
C LEU A 323 8.67 -6.84 57.60
N TYR A 324 9.71 -6.04 57.36
CA TYR A 324 11.09 -6.54 57.26
C TYR A 324 11.44 -7.49 58.40
N GLU A 325 11.07 -7.11 59.62
CA GLU A 325 11.30 -7.94 60.82
C GLU A 325 10.65 -9.30 60.64
N GLU A 326 9.36 -9.29 60.28
CA GLU A 326 8.55 -10.50 60.23
C GLU A 326 9.04 -11.51 59.21
N LEU A 327 9.50 -11.03 58.07
CA LEU A 327 10.05 -11.90 57.04
C LEU A 327 11.44 -12.41 57.43
N HIS A 328 12.14 -11.66 58.29
CA HIS A 328 13.47 -12.05 58.74
C HIS A 328 13.40 -13.19 59.76
N ILE A 329 12.65 -12.97 60.83
CA ILE A 329 12.55 -13.92 61.94
C ILE A 329 11.87 -15.22 61.52
N HIS A 330 10.79 -15.10 60.74
CA HIS A 330 10.02 -16.26 60.28
C HIS A 330 10.73 -17.09 59.20
N SER A 331 11.51 -16.43 58.34
CA SER A 331 12.31 -17.14 57.34
C SER A 331 13.46 -17.86 58.00
N GLN A 332 13.96 -17.29 59.10
CA GLN A 332 15.06 -17.88 59.86
C GLN A 332 14.65 -19.16 60.59
N SER A 333 13.55 -19.09 61.35
CA SER A 333 13.04 -20.26 62.06
C SER A 333 12.37 -21.27 61.11
N MET A 334 12.79 -21.25 59.85
CA MET A 334 12.42 -22.29 58.89
C MET A 334 13.55 -23.31 58.78
N MET A 335 14.67 -22.98 59.43
CA MET A 335 15.83 -23.87 59.57
C MET A 335 16.51 -23.66 60.93
N GLY A 336 16.39 -22.45 61.46
CA GLY A 336 17.04 -22.06 62.73
C GLY A 336 17.99 -20.91 62.53
N LEU A 337 19.18 -21.03 63.12
CA LEU A 337 20.28 -20.04 63.01
C LEU A 337 19.84 -18.57 63.18
N LYS B 4 -17.10 -15.35 -17.92
CA LYS B 4 -17.14 -14.10 -17.07
C LYS B 4 -18.14 -14.20 -15.91
N VAL B 5 -17.71 -13.75 -14.73
CA VAL B 5 -18.56 -13.68 -13.53
C VAL B 5 -18.26 -12.36 -12.75
N LYS B 6 -17.05 -11.81 -12.98
CA LYS B 6 -16.64 -10.42 -12.65
C LYS B 6 -16.46 -10.03 -11.17
N LEU B 7 -15.37 -9.32 -10.88
CA LEU B 7 -15.17 -8.64 -9.58
C LEU B 7 -15.37 -7.15 -9.82
N GLU B 8 -15.71 -6.39 -8.78
CA GLU B 8 -16.14 -4.99 -8.98
C GLU B 8 -15.17 -3.87 -8.56
N CYS B 9 -13.93 -3.95 -9.01
CA CYS B 9 -12.95 -2.89 -8.76
C CYS B 9 -12.98 -1.83 -9.86
N ASN B 10 -12.20 -0.77 -9.69
CA ASN B 10 -12.06 0.25 -10.72
C ASN B 10 -11.28 -0.31 -11.91
N PRO B 11 -11.95 -0.43 -13.08
CA PRO B 11 -11.37 -1.18 -14.20
C PRO B 11 -10.11 -0.53 -14.80
N THR B 12 -10.10 0.80 -14.85
CA THR B 12 -9.07 1.57 -15.56
C THR B 12 -7.65 1.30 -15.07
N ALA B 13 -7.52 1.00 -13.78
CA ALA B 13 -6.22 0.84 -13.14
C ALA B 13 -5.30 -0.19 -13.81
N ARG B 14 -5.89 -1.25 -14.36
CA ARG B 14 -5.08 -2.32 -14.97
C ARG B 14 -5.22 -2.44 -16.50
N ILE B 15 -5.83 -1.45 -17.13
CA ILE B 15 -5.96 -1.43 -18.59
C ILE B 15 -4.62 -1.21 -19.28
N TYR B 16 -3.89 -0.18 -18.83
CA TYR B 16 -2.61 0.14 -19.44
C TYR B 16 -1.75 -1.11 -19.60
N ARG B 17 -1.50 -1.81 -18.49
CA ARG B 17 -0.71 -3.05 -18.47
C ARG B 17 -1.15 -4.06 -19.52
N LYS B 18 -2.46 -4.24 -19.65
CA LYS B 18 -3.01 -5.28 -20.51
C LYS B 18 -2.97 -4.91 -21.99
N HIS B 19 -3.27 -3.66 -22.32
CA HIS B 19 -3.42 -3.26 -23.73
C HIS B 19 -2.31 -2.39 -24.29
N PHE B 20 -1.69 -1.57 -23.46
CA PHE B 20 -0.68 -0.60 -23.92
C PHE B 20 0.75 -1.09 -23.74
N LEU B 21 1.10 -1.56 -22.55
CA LEU B 21 2.48 -1.92 -22.24
C LEU B 21 2.99 -2.98 -23.21
N GLY B 22 4.23 -2.80 -23.68
CA GLY B 22 4.88 -3.75 -24.56
C GLY B 22 4.48 -3.67 -26.03
N LYS B 23 3.44 -2.87 -26.31
CA LYS B 23 2.91 -2.74 -27.66
C LYS B 23 3.08 -1.30 -28.20
N GLU B 24 2.86 -1.12 -29.50
CA GLU B 24 2.96 0.20 -30.12
C GLU B 24 1.87 1.15 -29.63
N HIS B 25 2.27 2.12 -28.83
CA HIS B 25 1.33 3.17 -28.41
C HIS B 25 1.95 4.57 -28.40
N PHE B 26 1.21 5.54 -27.89
CA PHE B 26 1.69 6.92 -27.76
C PHE B 26 1.21 7.51 -26.43
N ASN B 27 2.07 8.28 -25.78
CA ASN B 27 1.68 9.02 -24.58
C ASN B 27 1.93 10.52 -24.75
N TYR B 28 1.05 11.32 -24.18
CA TYR B 28 1.20 12.77 -24.23
C TYR B 28 0.90 13.40 -22.90
N TYR B 29 1.64 14.45 -22.55
CA TYR B 29 1.28 15.28 -21.41
C TYR B 29 0.85 16.65 -21.92
N SER B 30 0.08 17.35 -21.09
CA SER B 30 -0.39 18.68 -21.37
C SER B 30 -0.99 19.22 -20.08
N LEU B 31 -0.90 20.53 -19.90
CA LEU B 31 -1.40 21.14 -18.69
C LEU B 31 -2.68 21.90 -19.01
N ASP B 32 -3.81 21.31 -18.59
CA ASP B 32 -5.10 21.97 -18.69
C ASP B 32 -5.17 23.06 -17.64
N THR B 33 -5.46 24.27 -18.11
CA THR B 33 -5.51 25.45 -17.26
C THR B 33 -6.65 25.39 -16.25
N ALA B 34 -7.64 24.53 -16.49
CA ALA B 34 -8.78 24.38 -15.60
C ALA B 34 -8.84 23.03 -14.89
N LEU B 35 -8.34 21.98 -15.53
CA LEU B 35 -8.44 20.61 -15.01
C LEU B 35 -7.17 20.11 -14.36
N GLY B 36 -6.08 20.84 -14.52
CA GLY B 36 -4.79 20.44 -13.99
C GLY B 36 -4.00 19.56 -14.95
N HIS B 37 -3.17 18.69 -14.39
CA HIS B 37 -2.24 17.88 -15.17
C HIS B 37 -2.97 16.81 -15.95
N LEU B 38 -2.45 16.48 -17.13
CA LEU B 38 -3.03 15.42 -17.94
C LEU B 38 -1.96 14.51 -18.54
N VAL B 39 -2.12 13.21 -18.37
CA VAL B 39 -1.28 12.22 -19.04
C VAL B 39 -2.13 11.27 -19.89
N PHE B 40 -2.17 11.57 -21.19
CA PHE B 40 -2.99 10.89 -22.17
C PHE B 40 -2.19 9.76 -22.80
N SER B 41 -2.82 8.59 -22.94
CA SER B 41 -2.23 7.46 -23.64
C SER B 41 -3.18 7.02 -24.74
N LEU B 42 -2.67 6.81 -25.95
CA LEU B 42 -3.50 6.32 -27.04
C LEU B 42 -2.85 5.19 -27.83
N LYS B 43 -3.68 4.33 -28.42
CA LYS B 43 -3.22 3.18 -29.20
C LYS B 43 -4.10 3.00 -30.43
N TYR B 44 -3.47 2.66 -31.55
CA TYR B 44 -4.21 2.38 -32.77
C TYR B 44 -4.08 0.91 -33.06
N ASP B 45 -5.22 0.23 -33.16
CA ASP B 45 -5.22 -1.22 -33.28
C ASP B 45 -6.21 -1.73 -34.33
N VAL B 46 -5.74 -2.59 -35.23
CA VAL B 46 -6.57 -3.17 -36.27
C VAL B 46 -6.80 -4.67 -36.01
N ILE B 47 -8.05 -5.04 -35.71
CA ILE B 47 -8.42 -6.44 -35.51
C ILE B 47 -9.37 -6.89 -36.64
N GLY B 48 -8.96 -7.94 -37.36
CA GLY B 48 -9.58 -8.30 -38.63
C GLY B 48 -9.21 -7.19 -39.60
N ASP B 49 -10.14 -6.27 -39.80
CA ASP B 49 -9.83 -4.95 -40.36
C ASP B 49 -10.92 -3.93 -39.97
N GLN B 50 -11.45 -4.15 -38.77
CA GLN B 50 -12.27 -3.17 -38.10
C GLN B 50 -11.32 -2.30 -37.25
N GLU B 51 -10.97 -1.13 -37.79
CA GLU B 51 -10.07 -0.18 -37.13
C GLU B 51 -10.68 0.44 -35.88
N HIS B 52 -10.09 0.16 -34.73
CA HIS B 52 -10.49 0.84 -33.50
C HIS B 52 -9.35 1.72 -32.95
N LEU B 53 -9.63 2.42 -31.86
CA LEU B 53 -8.66 3.36 -31.29
C LEU B 53 -8.86 3.45 -29.78
N ARG B 54 -7.92 2.93 -29.01
CA ARG B 54 -8.07 2.88 -27.55
C ARG B 54 -7.42 4.06 -26.83
N LEU B 55 -8.23 4.82 -26.10
CA LEU B 55 -7.79 6.03 -25.42
C LEU B 55 -7.87 5.88 -23.91
N LEU B 56 -6.94 6.52 -23.21
CA LEU B 56 -6.85 6.44 -21.76
C LEU B 56 -6.24 7.74 -21.25
N LEU B 57 -7.05 8.55 -20.56
CA LEU B 57 -6.66 9.90 -20.19
C LEU B 57 -6.64 10.11 -18.68
N ARG B 58 -5.46 10.33 -18.14
CA ARG B 58 -5.27 10.51 -16.71
C ARG B 58 -5.53 11.95 -16.28
N THR B 59 -6.54 12.12 -15.44
CA THR B 59 -6.82 13.41 -14.83
C THR B 59 -6.45 13.38 -13.36
N LYS B 60 -6.38 14.54 -12.73
CA LYS B 60 -5.91 14.63 -11.35
C LYS B 60 -6.82 13.97 -10.34
N CYS B 61 -7.92 13.38 -10.80
CA CYS B 61 -8.87 12.76 -9.89
C CYS B 61 -9.53 11.48 -10.42
N ARG B 62 -9.85 11.46 -11.71
CA ARG B 62 -10.36 10.24 -12.32
C ARG B 62 -9.31 9.65 -13.27
N THR B 63 -9.79 9.02 -14.33
CA THR B 63 -8.94 8.49 -15.39
C THR B 63 -9.92 7.84 -16.38
N TYR B 64 -10.10 8.49 -17.53
CA TYR B 64 -11.13 8.09 -18.49
C TYR B 64 -10.60 7.07 -19.49
N HIS B 65 -11.46 6.13 -19.87
CA HIS B 65 -11.12 5.10 -20.85
C HIS B 65 -12.24 4.96 -21.88
N ASP B 66 -11.86 4.53 -23.08
CA ASP B 66 -12.82 4.27 -24.16
C ASP B 66 -12.12 3.64 -25.35
N VAL B 67 -12.86 2.85 -26.11
CA VAL B 67 -12.30 2.11 -27.24
C VAL B 67 -13.06 2.39 -28.53
N ILE B 68 -13.46 3.64 -28.72
CA ILE B 68 -14.25 4.04 -29.88
C ILE B 68 -13.59 3.75 -31.23
N PRO B 69 -14.31 3.05 -32.12
CA PRO B 69 -13.75 2.65 -33.40
C PRO B 69 -13.93 3.74 -34.45
N ILE B 70 -12.86 4.01 -35.19
CA ILE B 70 -12.90 4.97 -36.28
C ILE B 70 -12.21 4.31 -37.46
N SER B 71 -12.86 4.32 -38.63
CA SER B 71 -12.30 3.65 -39.78
C SER B 71 -12.52 4.38 -41.08
N CYS B 72 -11.41 4.60 -41.80
CA CYS B 72 -11.39 5.17 -43.16
C CYS B 72 -12.06 6.53 -43.35
N LEU B 73 -12.41 7.16 -42.24
CA LEU B 73 -12.59 8.61 -42.19
C LEU B 73 -11.23 9.17 -42.64
N THR B 74 -10.19 8.38 -42.35
CA THR B 74 -8.78 8.57 -42.81
C THR B 74 -8.10 9.84 -42.28
N GLU B 75 -8.87 10.90 -42.15
CA GLU B 75 -8.45 12.01 -41.31
C GLU B 75 -8.37 11.48 -39.87
N PHE B 76 -7.19 10.99 -39.50
CA PHE B 76 -6.88 10.69 -38.11
C PHE B 76 -7.09 11.97 -37.33
N PRO B 77 -7.97 11.94 -36.31
CA PRO B 77 -8.14 13.13 -35.48
C PRO B 77 -6.84 13.52 -34.78
N ASN B 78 -6.61 14.81 -34.56
CA ASN B 78 -5.40 15.25 -33.87
C ASN B 78 -5.49 14.90 -32.39
N VAL B 79 -4.33 14.81 -31.74
CA VAL B 79 -4.23 14.41 -30.33
C VAL B 79 -5.23 15.14 -29.43
N VAL B 80 -5.41 16.44 -29.65
CA VAL B 80 -6.37 17.24 -28.90
C VAL B 80 -7.82 16.79 -29.13
N GLN B 81 -8.18 16.58 -30.41
CA GLN B 81 -9.49 16.05 -30.78
C GLN B 81 -9.75 14.69 -30.14
N MET B 82 -8.72 13.84 -30.13
CA MET B 82 -8.79 12.50 -29.55
C MET B 82 -9.04 12.51 -28.07
N ALA B 83 -8.38 13.43 -27.35
CA ALA B 83 -8.61 13.56 -25.92
C ALA B 83 -10.04 14.04 -25.66
N LYS B 84 -10.51 14.97 -26.48
CA LYS B 84 -11.88 15.48 -26.35
C LYS B 84 -12.94 14.43 -26.62
N LEU B 85 -12.56 13.37 -27.34
CA LEU B 85 -13.43 12.22 -27.60
C LEU B 85 -13.72 11.47 -26.31
N VAL B 86 -12.69 11.30 -25.49
CA VAL B 86 -12.85 10.59 -24.22
C VAL B 86 -13.22 11.54 -23.07
N CYS B 87 -13.00 12.84 -23.25
CA CYS B 87 -13.38 13.86 -22.26
C CYS B 87 -13.50 15.28 -22.83
N GLU B 88 -14.74 15.76 -22.99
CA GLU B 88 -14.99 17.05 -23.62
C GLU B 88 -14.70 18.23 -22.71
N ASP B 89 -14.58 17.98 -21.42
CA ASP B 89 -14.21 19.03 -20.47
C ASP B 89 -12.83 19.59 -20.77
N VAL B 90 -11.98 18.77 -21.40
CA VAL B 90 -10.63 19.18 -21.81
C VAL B 90 -10.69 20.36 -22.79
N ASN B 91 -9.98 21.43 -22.44
CA ASN B 91 -9.80 22.59 -23.32
C ASN B 91 -8.34 23.00 -23.31
N VAL B 92 -7.58 22.47 -24.25
CA VAL B 92 -6.17 22.82 -24.38
C VAL B 92 -5.80 22.81 -25.85
N ASP B 93 -4.83 23.65 -26.22
CA ASP B 93 -4.51 23.85 -27.62
C ASP B 93 -3.57 22.81 -28.22
N ARG B 94 -2.72 22.20 -27.40
CA ARG B 94 -1.91 21.07 -27.85
C ARG B 94 -1.38 20.19 -26.73
N PHE B 95 -1.13 18.92 -27.08
CA PHE B 95 -0.48 17.98 -26.19
C PHE B 95 0.97 17.85 -26.62
N TYR B 96 1.83 17.44 -25.70
CA TYR B 96 3.25 17.27 -25.99
C TYR B 96 3.65 15.79 -25.87
N PRO B 97 4.48 15.33 -26.82
CA PRO B 97 4.91 13.93 -26.90
C PRO B 97 5.86 13.50 -25.79
N VAL B 98 5.54 12.40 -25.13
CA VAL B 98 6.37 11.81 -24.09
C VAL B 98 7.49 10.96 -24.72
N LEU B 99 8.72 11.44 -24.64
CA LEU B 99 9.86 10.81 -25.35
C LEU B 99 10.87 10.11 -24.43
N TYR B 100 10.52 9.98 -23.17
CA TYR B 100 11.36 9.31 -22.20
C TYR B 100 11.11 7.81 -22.35
N PRO B 101 12.11 7.04 -22.84
CA PRO B 101 11.94 5.60 -23.01
C PRO B 101 11.49 4.86 -21.73
N LYS B 102 11.96 5.29 -20.57
CA LYS B 102 11.53 4.70 -19.29
C LYS B 102 10.09 5.09 -18.90
N ALA B 103 9.37 5.78 -19.79
CA ALA B 103 8.07 6.38 -19.48
C ALA B 103 6.94 5.40 -19.21
N SER B 104 6.78 4.41 -20.08
CA SER B 104 5.73 3.41 -19.93
C SER B 104 5.89 2.64 -18.63
N ARG B 105 7.13 2.27 -18.32
CA ARG B 105 7.48 1.67 -17.02
C ARG B 105 6.95 2.50 -15.85
N LEU B 106 6.87 3.81 -16.05
CA LEU B 106 6.55 4.77 -15.00
C LEU B 106 5.08 5.17 -15.01
N ILE B 107 4.43 5.02 -16.16
CA ILE B 107 3.00 5.30 -16.31
C ILE B 107 2.20 4.16 -15.70
N VAL B 108 2.67 2.93 -15.92
CA VAL B 108 1.97 1.75 -15.42
C VAL B 108 2.00 1.71 -13.88
N THR B 109 3.15 2.05 -13.30
CA THR B 109 3.26 2.02 -11.84
C THR B 109 2.47 3.15 -11.21
N PHE B 110 2.24 4.23 -11.97
CA PHE B 110 1.28 5.25 -11.52
C PHE B 110 -0.12 4.67 -11.54
N ASP B 111 -0.47 4.07 -12.67
CA ASP B 111 -1.81 3.57 -12.88
C ASP B 111 -2.26 2.56 -11.83
N GLU B 112 -1.31 1.80 -11.29
CA GLU B 112 -1.62 0.69 -10.39
C GLU B 112 -1.35 0.96 -8.91
N HIS B 113 -1.20 2.24 -8.56
CA HIS B 113 -0.97 2.64 -7.16
C HIS B 113 -2.19 2.41 -6.27
N VAL B 114 -3.35 2.16 -6.89
CA VAL B 114 -4.59 1.90 -6.16
C VAL B 114 -4.75 0.41 -5.87
N ILE B 115 -4.35 -0.44 -6.83
CA ILE B 115 -4.61 -1.89 -6.73
C ILE B 115 -3.92 -2.52 -5.52
N SER B 116 -4.71 -3.28 -4.77
CA SER B 116 -4.18 -4.14 -3.73
C SER B 116 -4.96 -5.45 -3.72
N ASN B 117 -4.24 -6.56 -3.82
CA ASN B 117 -4.85 -7.88 -3.85
C ASN B 117 -5.01 -8.49 -2.45
N ASN B 118 -4.81 -7.69 -1.42
CA ASN B 118 -4.93 -8.16 -0.04
C ASN B 118 -6.08 -7.48 0.67
N PHE B 119 -6.82 -8.26 1.47
CA PHE B 119 -7.95 -7.74 2.22
C PHE B 119 -7.94 -8.23 3.66
N LYS B 120 -8.52 -7.44 4.54
CA LYS B 120 -8.73 -7.87 5.91
C LYS B 120 -10.14 -7.51 6.31
N PHE B 121 -10.87 -8.50 6.81
CA PHE B 121 -12.25 -8.30 7.24
C PHE B 121 -12.44 -8.69 8.70
N GLY B 122 -13.46 -8.10 9.31
CA GLY B 122 -13.79 -8.38 10.70
C GLY B 122 -14.84 -9.46 10.87
N VAL B 123 -14.78 -10.17 11.99
CA VAL B 123 -15.77 -11.19 12.37
C VAL B 123 -16.09 -11.03 13.85
N ILE B 124 -17.36 -10.75 14.14
CA ILE B 124 -17.84 -10.59 15.53
C ILE B 124 -19.05 -11.46 15.83
N TYR B 125 -19.20 -11.87 17.09
CA TYR B 125 -20.36 -12.68 17.50
C TYR B 125 -21.39 -11.84 18.27
N GLN B 126 -22.60 -11.74 17.72
CA GLN B 126 -23.69 -11.03 18.40
C GLN B 126 -24.57 -11.99 19.19
N LYS B 127 -24.47 -11.88 20.51
CA LYS B 127 -25.16 -12.76 21.47
C LYS B 127 -26.50 -12.14 21.88
N LEU B 128 -27.31 -12.93 22.60
CA LEU B 128 -28.48 -12.44 23.33
C LEU B 128 -29.22 -11.32 22.60
N GLY B 129 -29.06 -10.11 23.13
CA GLY B 129 -29.62 -8.89 22.56
C GLY B 129 -28.63 -7.75 22.77
N ALA B 130 -27.34 -8.11 22.80
CA ALA B 130 -26.23 -7.18 23.05
C ALA B 130 -26.15 -6.04 22.04
N THR B 131 -25.99 -4.82 22.53
CA THR B 131 -25.84 -3.65 21.66
C THR B 131 -24.65 -2.76 22.04
N SER B 132 -24.19 -2.87 23.29
CA SER B 132 -23.05 -2.07 23.77
C SER B 132 -21.75 -2.46 23.07
N GLU B 133 -20.76 -1.57 23.14
CA GLU B 133 -19.43 -1.84 22.61
C GLU B 133 -18.83 -3.10 23.24
N GLU B 134 -18.99 -3.23 24.55
CA GLU B 134 -18.37 -4.31 25.32
C GLU B 134 -18.93 -5.70 24.99
N GLU B 135 -20.25 -5.81 24.93
CA GLU B 135 -20.91 -7.10 24.71
C GLU B 135 -20.70 -7.63 23.30
N LEU B 136 -20.38 -6.73 22.38
CA LEU B 136 -20.13 -7.11 21.00
C LEU B 136 -18.71 -7.64 20.81
N PHE B 137 -17.76 -7.10 21.58
CA PHE B 137 -16.36 -7.50 21.46
C PHE B 137 -15.89 -8.58 22.44
N SER B 138 -16.31 -8.45 23.70
CA SER B 138 -16.02 -9.47 24.70
C SER B 138 -16.87 -10.70 24.47
N THR B 139 -16.23 -11.79 24.08
CA THR B 139 -16.88 -13.06 23.83
C THR B 139 -15.82 -14.12 24.02
N ASN B 140 -16.01 -14.95 25.04
CA ASN B 140 -15.01 -15.96 25.34
C ASN B 140 -15.23 -17.26 24.57
N GLU B 141 -16.46 -17.78 24.61
CA GLU B 141 -16.77 -19.07 23.99
C GLU B 141 -17.17 -18.94 22.51
N GLU B 142 -17.02 -20.05 21.78
CA GLU B 142 -17.53 -20.15 20.43
C GLU B 142 -18.74 -21.07 20.41
N SER B 143 -19.86 -20.57 19.90
CA SER B 143 -21.06 -21.38 19.70
C SER B 143 -20.78 -22.50 18.68
N PRO B 144 -21.39 -23.69 18.88
CA PRO B 144 -21.25 -24.78 17.91
C PRO B 144 -21.72 -24.45 16.48
N ALA B 145 -22.63 -23.48 16.34
CA ALA B 145 -23.03 -22.98 15.01
C ALA B 145 -21.96 -22.06 14.40
N PHE B 146 -21.33 -21.26 15.27
CA PHE B 146 -20.22 -20.37 14.94
C PHE B 146 -19.00 -21.20 14.49
N VAL B 147 -18.57 -22.12 15.34
CA VAL B 147 -17.36 -22.92 15.07
C VAL B 147 -17.48 -23.78 13.79
N GLU B 148 -18.70 -23.97 13.32
CA GLU B 148 -18.94 -24.68 12.06
C GLU B 148 -18.84 -23.71 10.90
N PHE B 149 -19.33 -22.49 11.14
CA PHE B 149 -19.30 -21.40 10.17
C PHE B 149 -17.89 -20.92 9.89
N LEU B 150 -17.04 -20.92 10.92
CA LEU B 150 -15.66 -20.46 10.79
C LEU B 150 -14.75 -21.48 10.10
N GLU B 151 -15.09 -22.75 10.25
CA GLU B 151 -14.41 -23.82 9.52
C GLU B 151 -14.89 -23.77 8.07
N PHE B 152 -16.13 -23.31 7.91
CA PHE B 152 -16.75 -23.16 6.60
C PHE B 152 -16.19 -21.96 5.85
N LEU B 153 -15.97 -20.85 6.57
CA LEU B 153 -15.60 -19.57 5.95
C LEU B 153 -14.31 -19.67 5.15
N GLY B 154 -13.25 -20.14 5.81
CA GLY B 154 -11.95 -20.34 5.18
C GLY B 154 -11.08 -21.25 6.01
N GLN B 155 -9.78 -21.23 5.75
CA GLN B 155 -8.86 -22.13 6.41
C GLN B 155 -8.29 -21.55 7.70
N LYS B 156 -8.54 -22.25 8.81
CA LYS B 156 -7.94 -21.95 10.10
C LYS B 156 -6.43 -22.21 10.03
N VAL B 157 -5.62 -21.19 10.35
CA VAL B 157 -4.17 -21.30 10.21
C VAL B 157 -3.36 -20.80 11.40
N LYS B 158 -2.31 -21.52 11.74
CA LYS B 158 -1.41 -21.16 12.82
C LYS B 158 -0.68 -19.87 12.49
N LEU B 159 -0.90 -18.85 13.32
CA LEU B 159 -0.26 -17.54 13.13
C LEU B 159 1.25 -17.59 13.22
N GLN B 160 1.79 -18.49 14.05
CA GLN B 160 3.23 -18.69 14.10
C GLN B 160 3.79 -19.04 12.73
N ASP B 161 4.84 -18.31 12.35
CA ASP B 161 5.52 -18.49 11.07
C ASP B 161 4.63 -18.54 9.81
N PHE B 162 3.38 -18.13 9.95
CA PHE B 162 2.45 -18.06 8.83
C PHE B 162 3.01 -17.23 7.69
N LYS B 163 2.83 -17.70 6.47
CA LYS B 163 3.54 -17.11 5.32
C LYS B 163 2.69 -16.29 4.34
N GLY B 164 1.37 -16.31 4.52
CA GLY B 164 0.47 -15.49 3.69
C GLY B 164 0.33 -14.06 4.18
N PHE B 165 -0.58 -13.30 3.58
CA PHE B 165 -0.82 -11.91 3.99
C PHE B 165 -1.24 -11.88 5.45
N ARG B 166 -0.36 -11.36 6.30
CA ARG B 166 -0.55 -11.44 7.74
C ARG B 166 -1.61 -10.49 8.31
N GLY B 167 -2.25 -9.69 7.47
CA GLY B 167 -3.34 -8.80 7.86
C GLY B 167 -3.17 -8.01 9.14
N GLY B 168 -1.94 -7.60 9.43
CA GLY B 168 -1.67 -6.82 10.63
C GLY B 168 -1.49 -7.65 11.89
N LEU B 169 -1.61 -8.96 11.77
CA LEU B 169 -1.49 -9.85 12.92
C LEU B 169 -0.06 -10.30 13.13
N ASP B 170 0.36 -10.36 14.40
CA ASP B 170 1.71 -10.77 14.74
C ASP B 170 1.95 -12.24 14.43
N VAL B 171 2.83 -12.45 13.47
CA VAL B 171 3.24 -13.77 13.05
C VAL B 171 4.41 -14.27 13.91
N THR B 172 5.40 -13.41 14.12
CA THR B 172 6.69 -13.79 14.71
C THR B 172 6.69 -14.12 16.21
N HIS B 173 5.95 -13.34 17.02
CA HIS B 173 5.97 -13.52 18.49
C HIS B 173 4.65 -14.02 19.09
N GLY B 174 3.72 -14.45 18.24
CA GLY B 174 2.42 -14.95 18.68
C GLY B 174 1.81 -14.15 19.82
N GLN B 175 1.29 -12.97 19.48
CA GLN B 175 0.70 -12.07 20.48
C GLN B 175 -0.65 -11.50 20.08
N THR B 176 -1.04 -11.73 18.82
CA THR B 176 -2.42 -11.48 18.41
C THR B 176 -3.09 -12.83 18.17
N GLY B 177 -2.76 -13.78 19.04
CA GLY B 177 -3.35 -15.11 19.03
C GLY B 177 -2.41 -16.19 18.52
N THR B 178 -2.94 -17.41 18.41
CA THR B 178 -2.22 -18.54 17.87
C THR B 178 -2.78 -18.97 16.52
N GLU B 179 -4.04 -18.64 16.27
CA GLU B 179 -4.71 -19.02 15.02
C GLU B 179 -5.71 -17.99 14.51
N SER B 180 -5.98 -18.04 13.20
CA SER B 180 -6.99 -17.20 12.57
C SER B 180 -7.43 -17.87 11.26
N VAL B 181 -8.57 -17.42 10.72
CA VAL B 181 -9.07 -17.93 9.43
C VAL B 181 -8.70 -17.01 8.25
N TYR B 182 -8.36 -17.64 7.13
CA TYR B 182 -7.72 -16.99 6.00
C TYR B 182 -8.05 -17.81 4.76
N CYS B 183 -8.05 -17.18 3.58
CA CYS B 183 -8.24 -17.94 2.34
C CYS B 183 -7.55 -17.35 1.12
N ASN B 184 -7.64 -18.09 0.01
CA ASN B 184 -6.95 -17.75 -1.21
C ASN B 184 -7.94 -17.54 -2.35
N PHE B 185 -9.06 -16.89 -2.03
CA PHE B 185 -10.17 -16.72 -2.94
C PHE B 185 -9.86 -15.87 -4.18
N ARG B 186 -10.40 -16.29 -5.32
CA ARG B 186 -10.10 -15.71 -6.65
C ARG B 186 -8.60 -15.60 -6.87
N ASN B 187 -8.09 -14.38 -7.01
CA ASN B 187 -6.65 -14.20 -7.08
C ASN B 187 -6.12 -13.36 -5.92
N LYS B 188 -6.94 -13.27 -4.89
CA LYS B 188 -6.67 -12.42 -3.74
C LYS B 188 -6.18 -13.23 -2.53
N GLU B 189 -5.75 -12.53 -1.48
CA GLU B 189 -5.45 -13.14 -0.20
C GLU B 189 -6.28 -12.44 0.87
N ILE B 190 -7.14 -13.20 1.54
CA ILE B 190 -8.01 -12.66 2.58
C ILE B 190 -7.62 -13.19 3.95
N MET B 191 -7.47 -12.27 4.90
CA MET B 191 -7.17 -12.61 6.28
C MET B 191 -8.28 -12.04 7.16
N PHE B 192 -8.78 -12.84 8.10
CA PHE B 192 -9.90 -12.41 8.94
C PHE B 192 -9.47 -12.04 10.34
N HIS B 193 -10.23 -11.12 10.93
CA HIS B 193 -10.02 -10.76 12.31
C HIS B 193 -11.17 -11.26 13.15
N VAL B 194 -10.96 -12.43 13.75
CA VAL B 194 -12.00 -13.11 14.53
C VAL B 194 -11.93 -12.71 16.00
N SER B 195 -13.00 -12.08 16.49
CA SER B 195 -13.00 -11.53 17.85
C SER B 195 -12.73 -12.60 18.90
N THR B 196 -13.30 -13.78 18.71
CA THR B 196 -13.13 -14.88 19.65
C THR B 196 -11.70 -15.43 19.62
N LYS B 197 -11.09 -15.41 18.44
CA LYS B 197 -9.71 -15.90 18.25
C LYS B 197 -8.65 -14.88 18.65
N LEU B 198 -9.04 -13.60 18.68
CA LEU B 198 -8.16 -12.51 19.10
C LEU B 198 -8.15 -12.35 20.62
N PRO B 199 -6.96 -12.14 21.22
CA PRO B 199 -6.73 -12.02 22.66
C PRO B 199 -7.88 -11.37 23.42
N TYR B 200 -8.21 -11.96 24.57
CA TYR B 200 -9.12 -11.33 25.51
C TYR B 200 -8.30 -10.58 26.54
N THR B 201 -8.70 -9.35 26.82
CA THR B 201 -8.08 -8.58 27.90
C THR B 201 -9.03 -8.57 29.09
N GLU B 202 -8.50 -8.92 30.25
CA GLU B 202 -9.30 -9.08 31.47
C GLU B 202 -9.72 -7.71 32.02
N GLY B 203 -11.02 -7.42 31.93
CA GLY B 203 -11.58 -6.17 32.45
C GLY B 203 -11.27 -4.91 31.65
N ASP B 204 -11.02 -5.09 30.35
CA ASP B 204 -10.84 -3.97 29.42
C ASP B 204 -12.19 -3.55 28.85
N ALA B 205 -12.66 -2.39 29.30
CA ALA B 205 -13.95 -1.83 28.88
C ALA B 205 -14.32 -2.14 27.43
N GLN B 206 -13.53 -1.66 26.47
CA GLN B 206 -13.88 -1.86 25.06
C GLN B 206 -12.87 -2.69 24.25
N GLN B 207 -12.24 -3.65 24.92
CA GLN B 207 -11.39 -4.67 24.27
C GLN B 207 -10.44 -4.12 23.20
N LEU B 208 -9.39 -3.42 23.62
CA LEU B 208 -8.44 -2.80 22.70
C LEU B 208 -7.75 -3.82 21.83
N GLN B 209 -7.27 -4.90 22.44
CA GLN B 209 -6.59 -5.98 21.71
C GLN B 209 -7.42 -6.56 20.58
N ARG B 210 -8.73 -6.36 20.66
CA ARG B 210 -9.65 -6.86 19.65
C ARG B 210 -10.12 -5.78 18.69
N LYS B 211 -10.39 -4.59 19.23
CA LYS B 211 -10.89 -3.49 18.42
C LYS B 211 -9.80 -2.85 17.58
N ARG B 212 -8.54 -2.97 17.99
CA ARG B 212 -7.44 -2.36 17.21
C ARG B 212 -7.22 -3.09 15.88
N HIS B 213 -7.92 -4.21 15.70
CA HIS B 213 -7.87 -4.96 14.45
C HIS B 213 -9.19 -4.85 13.67
N ILE B 214 -10.28 -5.19 14.32
CA ILE B 214 -11.60 -5.17 13.70
C ILE B 214 -12.08 -3.73 13.45
N GLY B 215 -11.70 -2.82 14.33
CA GLY B 215 -12.10 -1.41 14.22
C GLY B 215 -11.31 -0.65 13.17
N ASN B 216 -10.22 -1.26 12.69
CA ASN B 216 -9.40 -0.69 11.62
C ASN B 216 -9.58 -1.44 10.31
N ASP B 217 -10.71 -2.12 10.18
CA ASP B 217 -11.11 -2.76 8.94
C ASP B 217 -12.18 -1.91 8.27
N ILE B 218 -12.53 -2.26 7.04
CA ILE B 218 -13.54 -1.52 6.31
C ILE B 218 -14.83 -2.31 6.28
N VAL B 219 -14.71 -3.60 5.99
CA VAL B 219 -15.87 -4.50 5.96
C VAL B 219 -15.73 -5.57 7.03
N ALA B 220 -16.83 -5.86 7.72
CA ALA B 220 -16.84 -6.87 8.78
C ALA B 220 -17.98 -7.88 8.58
N VAL B 221 -17.86 -9.04 9.22
CA VAL B 221 -18.91 -10.07 9.21
C VAL B 221 -19.53 -10.22 10.60
N VAL B 222 -20.84 -9.99 10.68
CA VAL B 222 -21.57 -10.10 11.95
C VAL B 222 -22.32 -11.43 11.97
N PHE B 223 -21.85 -12.33 12.83
CA PHE B 223 -22.47 -13.65 12.98
C PHE B 223 -23.40 -13.64 14.18
N GLN B 224 -24.68 -13.90 13.90
CA GLN B 224 -25.70 -14.00 14.92
C GLN B 224 -26.18 -15.43 15.01
N ASP B 225 -26.43 -15.89 16.24
CA ASP B 225 -27.20 -17.12 16.47
C ASP B 225 -28.66 -16.75 16.66
N GLU B 226 -28.87 -15.65 17.39
CA GLU B 226 -30.21 -15.14 17.64
C GLU B 226 -30.66 -14.23 16.50
N ASN B 227 -31.23 -13.08 16.83
CA ASN B 227 -31.68 -12.12 15.84
C ASN B 227 -31.94 -10.77 16.50
N THR B 228 -30.90 -10.21 17.09
CA THR B 228 -30.96 -8.86 17.66
C THR B 228 -30.81 -7.85 16.53
N PRO B 229 -31.50 -6.70 16.61
CA PRO B 229 -31.17 -5.63 15.66
C PRO B 229 -29.69 -5.21 15.76
N PHE B 230 -29.09 -4.86 14.62
CA PHE B 230 -27.73 -4.32 14.56
C PHE B 230 -27.61 -3.17 13.58
N VAL B 231 -26.93 -2.10 13.99
CA VAL B 231 -26.67 -0.95 13.13
C VAL B 231 -25.19 -0.53 13.12
N PRO B 232 -24.72 0.02 11.99
CA PRO B 232 -23.45 0.74 11.89
C PRO B 232 -23.10 1.55 13.13
N ASP B 233 -24.11 2.21 13.71
CA ASP B 233 -23.89 3.13 14.83
C ASP B 233 -23.51 2.48 16.17
N MET B 234 -23.75 1.18 16.32
CA MET B 234 -23.45 0.48 17.56
C MET B 234 -21.96 0.38 17.88
N ILE B 235 -21.12 0.41 16.85
CA ILE B 235 -19.66 0.46 17.00
C ILE B 235 -19.14 1.82 16.54
N ALA B 236 -18.18 2.36 17.28
CA ALA B 236 -17.63 3.68 16.96
C ALA B 236 -16.24 3.61 16.36
N SER B 237 -16.19 3.57 15.04
CA SER B 237 -14.96 3.76 14.28
C SER B 237 -15.28 4.68 13.11
N ASN B 238 -14.23 5.29 12.55
CA ASN B 238 -14.40 6.02 11.31
C ASN B 238 -14.15 5.08 10.13
N PHE B 239 -13.53 3.94 10.43
CA PHE B 239 -13.01 3.01 9.42
C PHE B 239 -14.06 2.02 8.91
N LEU B 240 -14.78 1.39 9.85
CA LEU B 240 -15.81 0.41 9.50
C LEU B 240 -16.99 1.11 8.83
N HIS B 241 -17.18 0.79 7.56
CA HIS B 241 -18.18 1.46 6.75
C HIS B 241 -19.31 0.55 6.28
N ALA B 242 -19.10 -0.76 6.32
CA ALA B 242 -20.08 -1.73 5.83
C ALA B 242 -19.95 -3.11 6.49
N TYR B 243 -21.10 -3.69 6.85
CA TYR B 243 -21.13 -4.99 7.53
C TYR B 243 -21.96 -6.03 6.77
N VAL B 244 -21.59 -7.30 6.93
CA VAL B 244 -22.40 -8.42 6.42
C VAL B 244 -22.91 -9.29 7.57
N VAL B 245 -24.24 -9.34 7.72
CA VAL B 245 -24.90 -10.05 8.82
C VAL B 245 -25.33 -11.47 8.42
N VAL B 246 -24.76 -12.47 9.09
CA VAL B 246 -25.08 -13.88 8.85
C VAL B 246 -25.75 -14.51 10.08
N GLN B 247 -26.99 -14.98 9.90
CA GLN B 247 -27.78 -15.55 10.98
C GLN B 247 -27.97 -17.07 10.81
N ALA B 248 -27.63 -17.84 11.84
CA ALA B 248 -27.69 -19.30 11.79
C ALA B 248 -29.03 -19.86 12.28
N GLU B 249 -29.56 -20.81 11.52
CA GLU B 249 -30.85 -21.46 11.80
C GLU B 249 -30.72 -22.97 11.56
N GLY B 250 -30.27 -23.70 12.58
CA GLY B 250 -29.98 -25.14 12.48
C GLY B 250 -31.17 -25.97 12.03
N GLY B 251 -31.27 -26.21 10.72
CA GLY B 251 -32.43 -26.87 10.13
C GLY B 251 -32.13 -28.06 9.23
N GLY B 252 -32.80 -29.18 9.51
CA GLY B 252 -32.65 -30.43 8.75
C GLY B 252 -31.42 -31.25 9.14
N PRO B 253 -31.33 -32.51 8.66
CA PRO B 253 -30.08 -33.27 8.79
C PRO B 253 -28.97 -32.83 7.80
N ASP B 254 -28.98 -31.54 7.42
CA ASP B 254 -27.96 -30.96 6.53
C ASP B 254 -27.87 -29.43 6.63
N GLY B 255 -26.73 -28.94 7.13
CA GLY B 255 -26.35 -27.51 7.08
C GLY B 255 -27.34 -26.45 7.51
N PRO B 256 -26.99 -25.67 8.58
CA PRO B 256 -27.83 -24.55 9.04
C PRO B 256 -28.13 -23.55 7.92
N LEU B 257 -29.40 -23.22 7.74
CA LEU B 257 -29.82 -22.28 6.71
C LEU B 257 -29.57 -20.84 7.19
N TYR B 258 -28.73 -20.10 6.44
CA TYR B 258 -28.23 -18.79 6.88
C TYR B 258 -29.02 -17.59 6.34
N LYS B 259 -29.51 -16.76 7.26
CA LYS B 259 -30.23 -15.53 6.92
C LYS B 259 -29.25 -14.37 6.76
N VAL B 260 -29.03 -13.95 5.51
CA VAL B 260 -28.00 -12.93 5.20
C VAL B 260 -28.58 -11.57 4.79
N SER B 261 -28.23 -10.55 5.55
CA SER B 261 -28.60 -9.17 5.23
C SER B 261 -27.35 -8.28 5.22
N VAL B 262 -27.42 -7.15 4.52
CA VAL B 262 -26.28 -6.22 4.45
C VAL B 262 -26.64 -4.79 4.85
N THR B 263 -25.87 -4.25 5.80
CA THR B 263 -26.12 -2.89 6.29
C THR B 263 -24.85 -2.04 6.26
N ALA B 264 -25.01 -0.76 5.89
CA ALA B 264 -23.89 0.18 5.76
C ALA B 264 -24.32 1.64 5.93
N ARG B 265 -23.37 2.55 5.72
CA ARG B 265 -23.62 3.99 5.80
C ARG B 265 -24.29 4.49 4.51
N ASP B 266 -24.75 5.75 4.53
CA ASP B 266 -25.35 6.39 3.35
C ASP B 266 -24.28 6.81 2.35
N ASP B 267 -23.02 6.63 2.74
CA ASP B 267 -21.88 7.01 1.93
C ASP B 267 -21.65 6.01 0.80
N VAL B 268 -21.83 4.73 1.10
CA VAL B 268 -21.49 3.64 0.17
C VAL B 268 -22.59 3.33 -0.87
N PRO B 269 -22.19 3.06 -2.12
CA PRO B 269 -23.10 2.62 -3.18
C PRO B 269 -23.42 1.14 -3.11
N PHE B 270 -24.46 0.74 -3.85
CA PHE B 270 -24.85 -0.66 -3.99
C PHE B 270 -23.71 -1.47 -4.60
N PHE B 271 -23.59 -2.73 -4.18
CA PHE B 271 -22.48 -3.58 -4.59
C PHE B 271 -22.84 -5.06 -4.54
N GLY B 272 -21.82 -5.91 -4.69
CA GLY B 272 -21.94 -7.38 -4.54
C GLY B 272 -22.82 -8.07 -5.57
N PRO B 273 -22.88 -9.42 -5.52
CA PRO B 273 -23.95 -10.06 -6.26
C PRO B 273 -25.25 -9.81 -5.49
N PRO B 274 -26.36 -9.52 -6.19
CA PRO B 274 -27.59 -9.17 -5.49
C PRO B 274 -28.13 -10.31 -4.62
N LEU B 275 -28.92 -9.95 -3.60
CA LEU B 275 -29.52 -10.92 -2.69
C LEU B 275 -30.70 -11.64 -3.33
N PRO B 276 -30.73 -12.99 -3.27
CA PRO B 276 -31.90 -13.76 -3.73
C PRO B 276 -33.17 -13.38 -2.96
N ASP B 277 -34.34 -13.65 -3.56
CA ASP B 277 -35.62 -13.39 -2.86
C ASP B 277 -35.94 -14.43 -1.78
N PRO B 278 -35.44 -15.69 -1.91
CA PRO B 278 -35.35 -16.51 -0.68
C PRO B 278 -34.48 -15.83 0.40
N ALA B 279 -33.41 -15.15 -0.03
CA ALA B 279 -32.53 -14.36 0.85
C ALA B 279 -31.79 -15.19 1.91
N VAL B 280 -31.68 -16.49 1.65
CA VAL B 280 -31.04 -17.42 2.58
C VAL B 280 -30.21 -18.42 1.80
N PHE B 281 -29.13 -18.90 2.41
CA PHE B 281 -28.21 -19.84 1.78
C PHE B 281 -27.95 -21.06 2.67
N ARG B 282 -27.26 -22.05 2.10
CA ARG B 282 -26.84 -23.22 2.85
C ARG B 282 -25.34 -23.43 2.75
N LYS B 283 -24.75 -23.90 3.84
CA LYS B 283 -23.32 -24.23 3.93
C LYS B 283 -22.85 -25.09 2.75
N GLY B 284 -21.64 -24.83 2.27
CA GLY B 284 -21.06 -25.53 1.13
C GLY B 284 -20.53 -24.56 0.09
N PRO B 285 -19.52 -24.99 -0.71
CA PRO B 285 -18.85 -24.15 -1.71
C PRO B 285 -19.76 -23.09 -2.34
N GLU B 286 -20.97 -23.50 -2.70
CA GLU B 286 -22.00 -22.63 -3.29
C GLU B 286 -22.03 -21.20 -2.69
N PHE B 287 -22.29 -21.11 -1.38
CA PHE B 287 -22.56 -19.83 -0.70
C PHE B 287 -21.30 -19.11 -0.24
N GLN B 288 -20.33 -19.87 0.26
CA GLN B 288 -19.01 -19.34 0.64
C GLN B 288 -18.52 -18.37 -0.42
N GLU B 289 -18.59 -18.78 -1.68
CA GLU B 289 -18.15 -17.98 -2.81
C GLU B 289 -18.85 -16.64 -2.88
N PHE B 290 -20.17 -16.64 -2.68
CA PHE B 290 -20.95 -15.41 -2.70
C PHE B 290 -20.50 -14.44 -1.61
N LEU B 291 -20.46 -14.92 -0.37
CA LEU B 291 -20.05 -14.10 0.77
C LEU B 291 -18.72 -13.39 0.49
N LEU B 292 -17.71 -14.15 0.11
CA LEU B 292 -16.38 -13.61 -0.20
C LEU B 292 -16.38 -12.53 -1.30
N THR B 293 -16.96 -12.83 -2.47
CA THR B 293 -17.07 -11.79 -3.51
C THR B 293 -17.82 -10.57 -2.97
N LYS B 294 -18.90 -10.81 -2.24
CA LYS B 294 -19.70 -9.73 -1.66
C LYS B 294 -18.89 -8.89 -0.69
N LEU B 295 -18.02 -9.53 0.09
CA LEU B 295 -17.17 -8.82 1.03
C LEU B 295 -16.20 -7.91 0.29
N ILE B 296 -15.57 -8.44 -0.75
CA ILE B 296 -14.61 -7.69 -1.56
C ILE B 296 -15.30 -6.52 -2.26
N ASN B 297 -16.39 -6.82 -2.98
CA ASN B 297 -17.22 -5.80 -3.61
C ASN B 297 -17.68 -4.71 -2.66
N ALA B 298 -17.77 -5.05 -1.38
CA ALA B 298 -18.13 -4.08 -0.35
C ALA B 298 -16.99 -3.09 -0.14
N GLU B 299 -15.78 -3.61 0.03
CA GLU B 299 -14.60 -2.76 0.21
C GLU B 299 -14.45 -1.82 -0.98
N TYR B 300 -14.64 -2.37 -2.18
CA TYR B 300 -14.57 -1.56 -3.39
C TYR B 300 -15.60 -0.44 -3.32
N ALA B 301 -16.85 -0.79 -3.07
CA ALA B 301 -17.91 0.21 -2.93
C ALA B 301 -17.59 1.22 -1.83
N CYS B 302 -17.01 0.75 -0.73
CA CYS B 302 -16.60 1.62 0.37
C CYS B 302 -15.56 2.67 -0.02
N TYR B 303 -14.65 2.29 -0.91
CA TYR B 303 -13.62 3.20 -1.38
C TYR B 303 -14.24 4.48 -1.92
N LYS B 304 -15.46 4.35 -2.44
CA LYS B 304 -16.20 5.48 -3.01
C LYS B 304 -16.92 6.32 -1.94
N ALA B 305 -16.89 5.88 -0.69
CA ALA B 305 -17.40 6.69 0.41
C ALA B 305 -16.62 8.00 0.52
N GLU B 306 -17.29 9.03 1.04
CA GLU B 306 -16.71 10.38 1.10
C GLU B 306 -15.36 10.40 1.82
N LYS B 307 -15.32 9.78 3.00
CA LYS B 307 -14.12 9.77 3.85
C LYS B 307 -12.87 9.24 3.12
N PHE B 308 -13.04 8.18 2.34
CA PHE B 308 -11.92 7.54 1.63
C PHE B 308 -11.60 8.22 0.30
N ALA B 309 -12.64 8.50 -0.48
CA ALA B 309 -12.49 9.04 -1.84
C ALA B 309 -11.75 10.38 -1.88
N LYS B 310 -12.01 11.23 -0.88
CA LYS B 310 -11.40 12.55 -0.78
C LYS B 310 -9.88 12.48 -0.60
N LEU B 311 -9.40 11.50 0.18
CA LEU B 311 -7.97 11.29 0.30
C LEU B 311 -7.44 10.16 -0.60
N GLU B 312 -8.30 9.69 -1.50
CA GLU B 312 -7.87 8.86 -2.61
C GLU B 312 -7.46 9.81 -3.72
N GLU B 313 -8.30 10.84 -3.91
CA GLU B 313 -8.08 11.88 -4.93
C GLU B 313 -6.91 12.80 -4.61
N ARG B 314 -6.70 13.09 -3.33
CA ARG B 314 -5.55 13.89 -2.93
C ARG B 314 -4.28 13.14 -3.32
N THR B 315 -4.27 11.84 -3.03
CA THR B 315 -3.16 10.96 -3.36
C THR B 315 -2.96 10.82 -4.86
N ARG B 316 -4.05 10.68 -5.60
CA ARG B 316 -3.99 10.60 -7.06
C ARG B 316 -3.28 11.80 -7.65
N ALA B 317 -3.79 13.00 -7.38
CA ALA B 317 -3.27 14.24 -7.97
C ALA B 317 -1.82 14.48 -7.62
N ALA B 318 -1.48 14.31 -6.34
CA ALA B 318 -0.14 14.55 -5.85
C ALA B 318 0.89 13.70 -6.60
N LEU B 319 0.50 12.45 -6.88
CA LEU B 319 1.39 11.48 -7.48
C LEU B 319 1.43 11.65 -9.00
N LEU B 320 0.30 12.08 -9.57
CA LEU B 320 0.17 12.36 -11.00
C LEU B 320 1.03 13.54 -11.39
N GLU B 321 1.11 14.52 -10.50
CA GLU B 321 1.92 15.71 -10.70
C GLU B 321 3.39 15.35 -10.69
N THR B 322 3.76 14.39 -9.85
CA THR B 322 5.14 13.91 -9.83
C THR B 322 5.44 13.16 -11.12
N LEU B 323 4.55 12.26 -11.51
CA LEU B 323 4.67 11.56 -12.79
C LEU B 323 4.78 12.56 -13.93
N TYR B 324 3.88 13.53 -13.95
CA TYR B 324 3.86 14.54 -15.01
C TYR B 324 5.19 15.28 -15.11
N GLU B 325 5.71 15.73 -13.97
CA GLU B 325 6.97 16.45 -13.97
C GLU B 325 8.15 15.60 -14.42
N GLU B 326 8.09 14.29 -14.14
CA GLU B 326 9.10 13.35 -14.60
C GLU B 326 9.11 13.29 -16.12
N LEU B 327 7.93 13.04 -16.69
CA LEU B 327 7.77 12.86 -18.13
C LEU B 327 8.09 14.10 -18.95
N HIS B 328 7.76 15.28 -18.41
CA HIS B 328 8.03 16.53 -19.12
C HIS B 328 9.50 16.91 -19.09
N ILE B 329 10.14 16.80 -17.93
CA ILE B 329 11.57 17.08 -17.83
C ILE B 329 12.38 16.21 -18.78
N HIS B 330 12.09 14.91 -18.78
CA HIS B 330 12.86 13.96 -19.56
C HIS B 330 12.58 14.03 -21.05
N SER B 331 11.35 14.36 -21.41
CA SER B 331 11.02 14.53 -22.81
C SER B 331 11.73 15.75 -23.37
N GLN B 332 11.83 16.78 -22.53
CA GLN B 332 12.60 17.98 -22.86
C GLN B 332 14.05 17.60 -23.14
N SER B 333 14.74 17.11 -22.10
CA SER B 333 16.16 16.76 -22.21
C SER B 333 16.47 15.69 -23.27
N MET B 334 15.46 15.30 -24.04
CA MET B 334 15.63 14.36 -25.15
C MET B 334 15.82 15.14 -26.45
N MET B 335 15.41 16.40 -26.40
CA MET B 335 15.58 17.35 -27.51
C MET B 335 16.59 18.41 -27.08
N GLY B 336 17.20 18.19 -25.92
CA GLY B 336 18.20 19.10 -25.37
C GLY B 336 17.59 20.40 -24.89
N LEU B 337 16.99 20.37 -23.70
CA LEU B 337 16.46 21.56 -23.06
C LEU B 337 16.63 21.44 -21.55
N GLY B 338 17.62 22.16 -21.01
CA GLY B 338 17.96 22.05 -19.59
C GLY B 338 18.36 23.40 -19.03
N GLY B 339 19.54 23.46 -18.41
CA GLY B 339 20.06 24.69 -17.80
C GLY B 339 21.38 25.20 -18.40
N ASP B 340 22.12 24.31 -19.05
CA ASP B 340 23.42 24.66 -19.65
C ASP B 340 23.27 25.20 -21.07
N LYS C 4 20.09 -28.00 -46.12
CA LYS C 4 20.40 -26.68 -45.49
C LYS C 4 21.32 -25.83 -46.40
N VAL C 5 20.94 -24.56 -46.58
CA VAL C 5 21.73 -23.54 -47.31
C VAL C 5 20.93 -22.22 -47.51
N LYS C 6 21.41 -21.16 -46.87
CA LYS C 6 20.68 -19.88 -46.75
C LYS C 6 20.50 -19.08 -48.06
N LEU C 7 19.59 -18.10 -48.03
CA LEU C 7 19.35 -17.19 -49.15
C LEU C 7 19.89 -15.80 -48.87
N GLU C 8 20.82 -15.37 -49.70
CA GLU C 8 21.70 -14.22 -49.42
C GLU C 8 21.06 -12.85 -49.55
N CYS C 9 20.09 -12.54 -48.69
CA CYS C 9 19.50 -11.21 -48.66
C CYS C 9 20.01 -10.38 -47.49
N ASN C 10 20.13 -9.07 -47.72
CA ASN C 10 20.56 -8.10 -46.71
C ASN C 10 19.84 -8.28 -45.36
N PRO C 11 20.57 -8.73 -44.31
CA PRO C 11 19.96 -9.05 -43.02
C PRO C 11 19.61 -7.80 -42.21
N THR C 12 19.80 -6.63 -42.82
CA THR C 12 19.44 -5.35 -42.21
C THR C 12 17.99 -4.99 -42.50
N ALA C 13 17.45 -5.54 -43.58
CA ALA C 13 16.03 -5.37 -43.94
C ALA C 13 15.10 -6.07 -42.93
N ARG C 14 15.66 -6.98 -42.15
CA ARG C 14 14.89 -7.81 -41.22
C ARG C 14 14.82 -7.22 -39.81
N ILE C 15 15.86 -6.47 -39.44
CA ILE C 15 16.02 -5.98 -38.06
C ILE C 15 14.83 -5.18 -37.55
N TYR C 16 14.22 -4.38 -38.42
CA TYR C 16 13.07 -3.59 -38.02
C TYR C 16 11.89 -4.48 -37.62
N ARG C 17 11.48 -5.41 -38.49
CA ARG C 17 10.34 -6.27 -38.16
C ARG C 17 10.58 -7.18 -36.95
N LYS C 18 11.80 -7.70 -36.84
CA LYS C 18 12.16 -8.60 -35.74
C LYS C 18 11.95 -7.94 -34.37
N HIS C 19 12.62 -6.80 -34.17
CA HIS C 19 12.71 -6.16 -32.86
C HIS C 19 11.80 -4.94 -32.65
N PHE C 20 11.56 -4.16 -33.71
CA PHE C 20 10.85 -2.88 -33.57
C PHE C 20 9.35 -2.97 -33.78
N LEU C 21 8.91 -3.70 -34.80
CA LEU C 21 7.49 -3.71 -35.17
C LEU C 21 6.62 -4.32 -34.07
N GLY C 22 5.52 -3.65 -33.75
CA GLY C 22 4.58 -4.11 -32.72
C GLY C 22 5.04 -3.93 -31.29
N LYS C 23 6.22 -3.33 -31.10
CA LYS C 23 6.80 -3.16 -29.78
C LYS C 23 7.13 -1.69 -29.45
N GLU C 24 7.24 -1.39 -28.16
CA GLU C 24 7.56 -0.03 -27.70
C GLU C 24 8.85 0.47 -28.31
N HIS C 25 8.73 1.39 -29.26
CA HIS C 25 9.88 2.06 -29.85
C HIS C 25 9.50 3.46 -30.31
N PHE C 26 10.52 4.29 -30.55
CA PHE C 26 10.33 5.68 -30.96
C PHE C 26 10.90 5.92 -32.36
N ASN C 27 10.27 6.83 -33.09
CA ASN C 27 10.66 7.14 -34.45
C ASN C 27 10.87 8.62 -34.71
N TYR C 28 12.07 8.98 -35.14
CA TYR C 28 12.39 10.37 -35.41
C TYR C 28 12.84 10.57 -36.86
N TYR C 29 12.69 11.81 -37.33
CA TYR C 29 13.18 12.20 -38.65
C TYR C 29 13.87 13.55 -38.57
N SER C 30 14.78 13.80 -39.50
CA SER C 30 15.53 15.05 -39.57
C SER C 30 16.10 15.22 -40.96
N LEU C 31 16.26 16.48 -41.37
CA LEU C 31 16.92 16.81 -42.62
C LEU C 31 18.35 17.23 -42.34
N ASP C 32 19.31 16.44 -42.85
CA ASP C 32 20.74 16.76 -42.68
C ASP C 32 21.25 17.49 -43.92
N THR C 33 21.82 18.66 -43.68
CA THR C 33 22.40 19.50 -44.73
C THR C 33 23.56 18.76 -45.41
N ALA C 34 24.09 17.75 -44.72
CA ALA C 34 25.17 16.89 -45.22
C ALA C 34 24.68 15.61 -45.89
N LEU C 35 23.82 14.85 -45.20
CA LEU C 35 23.44 13.49 -45.61
C LEU C 35 22.06 13.34 -46.26
N GLY C 36 21.32 14.44 -46.38
CA GLY C 36 19.96 14.38 -46.93
C GLY C 36 18.91 13.99 -45.89
N HIS C 37 17.88 13.28 -46.33
CA HIS C 37 16.80 12.87 -45.43
C HIS C 37 17.27 11.80 -44.47
N LEU C 38 16.70 11.79 -43.26
CA LEU C 38 17.00 10.78 -42.24
C LEU C 38 15.73 10.27 -41.55
N VAL C 39 15.61 8.95 -41.44
CA VAL C 39 14.54 8.33 -40.66
C VAL C 39 15.16 7.36 -39.65
N PHE C 40 14.87 7.60 -38.37
CA PHE C 40 15.64 7.03 -37.28
C PHE C 40 14.74 6.31 -36.27
N SER C 41 14.98 5.01 -36.10
CA SER C 41 14.24 4.21 -35.13
C SER C 41 15.10 3.90 -33.94
N LEU C 42 14.52 4.02 -32.74
CA LEU C 42 15.23 3.63 -31.52
C LEU C 42 14.35 2.90 -30.50
N LYS C 43 14.89 1.80 -29.97
CA LYS C 43 14.20 0.97 -28.99
C LYS C 43 15.05 0.86 -27.74
N TYR C 44 14.41 0.72 -26.59
CA TYR C 44 15.12 0.56 -25.33
C TYR C 44 14.65 -0.71 -24.64
N ASP C 45 15.61 -1.56 -24.24
CA ASP C 45 15.29 -2.89 -23.73
C ASP C 45 16.03 -3.27 -22.44
N VAL C 46 15.38 -4.11 -21.63
CA VAL C 46 15.94 -4.56 -20.34
C VAL C 46 16.00 -6.10 -20.29
N ILE C 47 17.17 -6.64 -20.60
CA ILE C 47 17.39 -8.10 -20.57
C ILE C 47 18.05 -8.50 -19.25
N GLY C 48 17.23 -9.04 -18.35
CA GLY C 48 17.66 -9.33 -16.98
C GLY C 48 17.77 -8.01 -16.22
N ASP C 49 19.00 -7.67 -15.82
CA ASP C 49 19.28 -6.35 -15.22
C ASP C 49 20.23 -5.53 -16.10
N GLN C 50 20.55 -6.08 -17.28
CA GLN C 50 21.31 -5.38 -18.31
C GLN C 50 20.44 -4.42 -19.13
N GLU C 51 20.86 -3.16 -19.18
CA GLU C 51 20.21 -2.16 -20.04
C GLU C 51 20.94 -2.06 -21.38
N HIS C 52 20.18 -2.16 -22.46
CA HIS C 52 20.68 -2.07 -23.83
C HIS C 52 19.94 -0.96 -24.55
N LEU C 53 20.24 -0.77 -25.83
CA LEU C 53 19.60 0.27 -26.62
C LEU C 53 19.82 -0.03 -28.10
N ARG C 54 18.77 -0.49 -28.79
CA ARG C 54 18.89 -0.84 -30.20
C ARG C 54 18.60 0.34 -31.10
N LEU C 55 19.57 0.67 -31.96
CA LEU C 55 19.46 1.82 -32.84
C LEU C 55 19.33 1.41 -34.29
N LEU C 56 18.82 2.31 -35.12
CA LEU C 56 18.56 2.04 -36.52
C LEU C 56 18.37 3.34 -37.29
N LEU C 57 19.45 3.85 -37.87
CA LEU C 57 19.36 5.08 -38.64
C LEU C 57 19.41 4.78 -40.13
N ARG C 58 18.52 5.43 -40.88
CA ARG C 58 18.46 5.24 -42.30
C ARG C 58 18.85 6.51 -43.05
N THR C 59 19.98 6.44 -43.73
CA THR C 59 20.42 7.49 -44.63
C THR C 59 20.02 7.16 -46.06
N LYS C 60 20.04 8.16 -46.93
CA LYS C 60 19.78 8.01 -48.36
C LYS C 60 20.63 6.91 -49.02
N CYS C 61 21.80 6.65 -48.45
CA CYS C 61 22.73 5.62 -48.92
C CYS C 61 22.50 4.27 -48.25
N ARG C 62 22.78 4.24 -46.95
CA ARG C 62 22.82 3.00 -46.16
C ARG C 62 21.78 3.00 -45.05
N THR C 63 21.94 2.06 -44.13
CA THR C 63 21.14 2.01 -42.91
C THR C 63 22.01 1.38 -41.83
N TYR C 64 22.25 2.13 -40.77
CA TYR C 64 23.17 1.70 -39.71
C TYR C 64 22.42 1.09 -38.54
N HIS C 65 22.95 -0.01 -38.02
CA HIS C 65 22.34 -0.74 -36.90
C HIS C 65 23.37 -0.98 -35.81
N ASP C 66 22.94 -0.83 -34.56
CA ASP C 66 23.81 -1.11 -33.43
C ASP C 66 23.02 -1.31 -32.14
N VAL C 67 23.54 -2.18 -31.30
CA VAL C 67 23.00 -2.38 -29.95
C VAL C 67 24.09 -1.95 -28.97
N ILE C 68 23.90 -0.79 -28.36
CA ILE C 68 24.87 -0.21 -27.44
C ILE C 68 24.37 -0.30 -26.00
N PRO C 69 25.18 -0.93 -25.12
CA PRO C 69 24.72 -1.22 -23.76
C PRO C 69 24.89 -0.04 -22.82
N ILE C 70 23.84 0.76 -22.65
CA ILE C 70 23.86 1.88 -21.72
C ILE C 70 23.80 1.36 -20.29
N SER C 71 24.77 1.76 -19.48
CA SER C 71 24.94 1.20 -18.15
C SER C 71 24.06 1.88 -17.12
N CYS C 72 24.68 2.61 -16.19
CA CYS C 72 23.95 3.38 -15.19
C CYS C 72 24.56 4.77 -15.01
N LEU C 73 25.08 5.33 -16.10
CA LEU C 73 25.32 6.77 -16.17
C LEU C 73 24.02 7.53 -16.41
N THR C 74 22.90 6.91 -16.06
CA THR C 74 21.63 7.21 -16.69
C THR C 74 21.72 7.12 -18.21
N GLU C 75 22.44 8.07 -18.81
CA GLU C 75 22.02 9.46 -18.79
C GLU C 75 20.91 9.73 -19.79
N PHE C 76 20.45 8.67 -20.45
CA PHE C 76 19.72 8.80 -21.72
C PHE C 76 20.26 9.97 -22.53
N PRO C 77 21.40 9.75 -23.17
CA PRO C 77 21.80 10.54 -24.33
C PRO C 77 20.59 10.96 -25.17
N ASN C 78 20.46 12.25 -25.44
CA ASN C 78 19.35 12.76 -26.23
C ASN C 78 19.35 12.17 -27.64
N VAL C 79 18.24 12.33 -28.36
CA VAL C 79 18.09 11.72 -29.68
C VAL C 79 19.30 11.96 -30.60
N VAL C 80 19.75 13.22 -30.69
CA VAL C 80 20.92 13.58 -31.49
C VAL C 80 22.12 12.76 -31.05
N GLN C 81 22.45 12.84 -29.76
CA GLN C 81 23.57 12.09 -29.17
C GLN C 81 23.52 10.62 -29.52
N MET C 82 22.31 10.05 -29.51
CA MET C 82 22.08 8.65 -29.83
C MET C 82 22.37 8.36 -31.30
N ALA C 83 21.84 9.20 -32.18
CA ALA C 83 22.09 9.05 -33.62
C ALA C 83 23.58 8.96 -33.93
N LYS C 84 24.39 9.77 -33.24
CA LYS C 84 25.83 9.81 -33.45
C LYS C 84 26.52 8.51 -33.06
N LEU C 85 25.95 7.82 -32.08
CA LEU C 85 26.53 6.58 -31.57
C LEU C 85 26.45 5.42 -32.55
N VAL C 86 25.50 5.51 -33.49
CA VAL C 86 25.33 4.49 -34.53
C VAL C 86 25.88 5.00 -35.85
N CYS C 87 25.74 6.30 -36.08
CA CYS C 87 26.16 6.93 -37.31
C CYS C 87 26.81 8.27 -37.01
N GLU C 88 28.13 8.31 -37.18
CA GLU C 88 28.96 9.38 -36.66
C GLU C 88 28.82 10.69 -37.43
N ASP C 89 28.66 10.58 -38.75
CA ASP C 89 28.62 11.75 -39.63
C ASP C 89 27.33 12.56 -39.58
N VAL C 90 26.40 12.15 -38.73
CA VAL C 90 25.14 12.86 -38.58
C VAL C 90 25.37 14.20 -37.87
N ASN C 91 25.18 15.27 -38.64
CA ASN C 91 25.25 16.60 -38.10
C ASN C 91 23.91 17.31 -38.25
N VAL C 92 23.15 17.37 -37.16
CA VAL C 92 21.87 18.10 -37.15
C VAL C 92 21.52 18.59 -35.75
N ASP C 93 20.80 19.71 -35.68
CA ASP C 93 20.49 20.40 -34.42
C ASP C 93 19.59 19.57 -33.53
N ARG C 94 18.51 19.05 -34.11
CA ARG C 94 17.59 18.16 -33.42
C ARG C 94 16.90 17.22 -34.40
N PHE C 95 16.27 16.18 -33.85
CA PHE C 95 15.38 15.30 -34.58
C PHE C 95 13.94 15.65 -34.23
N TYR C 96 13.02 15.28 -35.11
CA TYR C 96 11.59 15.48 -34.87
C TYR C 96 10.84 14.15 -34.72
N PRO C 97 9.99 14.04 -33.68
CA PRO C 97 9.22 12.82 -33.39
C PRO C 97 8.13 12.51 -34.42
N VAL C 98 8.02 11.23 -34.78
CA VAL C 98 6.96 10.74 -35.66
C VAL C 98 5.74 10.39 -34.82
N LEU C 99 4.62 11.05 -35.11
CA LEU C 99 3.42 10.90 -34.30
C LEU C 99 2.26 10.30 -35.10
N TYR C 100 2.58 9.65 -36.22
CA TYR C 100 1.59 9.07 -37.12
C TYR C 100 1.39 7.59 -36.81
N PRO C 101 0.24 7.22 -36.23
CA PRO C 101 0.02 5.86 -35.74
C PRO C 101 0.24 4.77 -36.79
N LYS C 102 0.16 5.15 -38.07
CA LYS C 102 0.37 4.21 -39.17
C LYS C 102 1.82 4.19 -39.66
N ALA C 103 2.73 4.76 -38.87
CA ALA C 103 4.12 4.96 -39.29
C ALA C 103 4.93 3.68 -39.41
N SER C 104 4.87 2.84 -38.39
CA SER C 104 5.66 1.61 -38.38
C SER C 104 5.34 0.71 -39.57
N ARG C 105 4.10 0.76 -40.04
CA ARG C 105 3.66 0.04 -41.23
C ARG C 105 4.36 0.53 -42.49
N LEU C 106 4.50 1.86 -42.61
CA LEU C 106 5.20 2.48 -43.73
C LEU C 106 6.70 2.24 -43.68
N ILE C 107 7.26 2.27 -42.47
CA ILE C 107 8.70 2.09 -42.24
C ILE C 107 9.14 0.68 -42.57
N VAL C 108 8.44 -0.31 -42.03
CA VAL C 108 8.76 -1.72 -42.30
C VAL C 108 8.73 -2.00 -43.80
N THR C 109 7.73 -1.42 -44.49
CA THR C 109 7.56 -1.56 -45.95
C THR C 109 8.80 -1.06 -46.70
N PHE C 110 9.28 0.11 -46.31
CA PHE C 110 10.50 0.70 -46.86
C PHE C 110 11.73 -0.21 -46.65
N ASP C 111 11.93 -0.67 -45.42
CA ASP C 111 13.07 -1.51 -45.05
C ASP C 111 13.16 -2.80 -45.86
N GLU C 112 12.00 -3.33 -46.22
CA GLU C 112 11.91 -4.64 -46.85
C GLU C 112 11.66 -4.58 -48.36
N HIS C 113 11.85 -3.42 -48.97
CA HIS C 113 11.73 -3.28 -50.43
C HIS C 113 12.91 -3.92 -51.16
N VAL C 114 14.02 -4.10 -50.44
CA VAL C 114 15.20 -4.74 -51.00
C VAL C 114 15.10 -6.27 -50.98
N ILE C 115 14.01 -6.78 -50.40
CA ILE C 115 13.67 -8.21 -50.44
C ILE C 115 12.60 -8.45 -51.50
N SER C 116 12.94 -9.25 -52.51
CA SER C 116 11.99 -9.57 -53.57
C SER C 116 11.45 -10.98 -53.41
N ASN C 117 10.15 -11.15 -53.67
CA ASN C 117 9.52 -12.45 -53.61
C ASN C 117 9.29 -13.00 -55.00
N ASN C 118 9.51 -12.16 -56.01
CA ASN C 118 9.26 -12.51 -57.39
C ASN C 118 10.51 -12.47 -58.26
N PHE C 119 10.90 -13.64 -58.75
CA PHE C 119 12.05 -13.78 -59.66
C PHE C 119 11.61 -14.28 -61.04
N LYS C 120 12.46 -14.02 -62.04
CA LYS C 120 12.24 -14.54 -63.39
C LYS C 120 13.57 -14.88 -64.05
N PHE C 121 13.67 -16.09 -64.58
CA PHE C 121 14.90 -16.57 -65.20
C PHE C 121 14.69 -17.04 -66.64
N GLY C 122 15.69 -16.80 -67.48
CA GLY C 122 15.65 -17.19 -68.88
C GLY C 122 16.06 -18.63 -69.12
N VAL C 123 15.44 -19.27 -70.11
CA VAL C 123 15.74 -20.64 -70.49
C VAL C 123 16.08 -20.72 -71.98
N ILE C 124 17.26 -21.25 -72.30
CA ILE C 124 17.67 -21.48 -73.70
C ILE C 124 18.36 -22.85 -73.90
N TYR C 125 18.60 -23.20 -75.17
CA TYR C 125 19.33 -24.40 -75.56
C TYR C 125 20.45 -24.02 -76.55
N GLN C 126 21.65 -24.55 -76.35
CA GLN C 126 22.85 -24.13 -77.08
C GLN C 126 23.21 -25.02 -78.29
N LYS C 127 23.97 -24.45 -79.22
CA LYS C 127 24.39 -25.13 -80.46
C LYS C 127 25.64 -25.99 -80.24
N LEU C 128 25.81 -26.99 -81.11
CA LEU C 128 26.92 -27.95 -81.06
C LEU C 128 28.29 -27.29 -80.94
N GLY C 129 28.55 -26.30 -81.82
CA GLY C 129 29.82 -25.61 -81.87
C GLY C 129 29.71 -24.12 -82.15
N ALA C 130 28.80 -23.76 -83.06
CA ALA C 130 28.58 -22.36 -83.46
C ALA C 130 28.03 -21.51 -82.31
N THR C 131 28.53 -20.28 -82.20
CA THR C 131 28.16 -19.36 -81.10
C THR C 131 28.01 -17.90 -81.56
N SER C 132 26.79 -17.38 -81.44
CA SER C 132 26.47 -15.96 -81.66
C SER C 132 25.01 -15.67 -81.28
N GLU C 133 24.49 -14.53 -81.75
CA GLU C 133 23.11 -14.15 -81.47
C GLU C 133 22.09 -14.84 -82.38
N GLU C 134 20.90 -15.06 -81.84
CA GLU C 134 19.73 -15.61 -82.55
C GLU C 134 19.87 -17.03 -83.10
N GLU C 135 21.11 -17.53 -83.19
CA GLU C 135 21.34 -18.93 -83.53
C GLU C 135 21.00 -19.81 -82.32
N LEU C 136 21.03 -19.19 -81.14
CA LEU C 136 20.62 -19.82 -79.89
C LEU C 136 19.10 -19.79 -79.75
N PHE C 137 18.48 -18.80 -80.40
CA PHE C 137 17.05 -18.52 -80.27
C PHE C 137 16.15 -19.33 -81.20
N SER C 138 16.71 -19.89 -82.27
CA SER C 138 15.90 -20.58 -83.27
C SER C 138 16.24 -22.07 -83.44
N THR C 139 16.26 -22.80 -82.32
CA THR C 139 16.36 -24.26 -82.35
C THR C 139 15.13 -24.84 -81.64
N ASN C 140 14.04 -25.01 -82.39
CA ASN C 140 12.75 -25.42 -81.84
C ASN C 140 12.63 -26.95 -81.63
N GLU C 141 13.57 -27.51 -80.87
CA GLU C 141 13.56 -28.93 -80.49
C GLU C 141 14.35 -29.15 -79.18
N GLU C 142 14.69 -30.41 -78.87
CA GLU C 142 15.28 -30.75 -77.57
C GLU C 142 16.71 -31.33 -77.63
N SER C 143 16.93 -32.46 -76.93
CA SER C 143 18.25 -33.10 -76.77
C SER C 143 18.13 -34.49 -76.10
N PRO C 144 19.27 -35.21 -75.91
CA PRO C 144 19.33 -36.43 -75.08
C PRO C 144 18.79 -36.33 -73.66
N ALA C 145 18.87 -35.14 -73.06
CA ALA C 145 18.33 -34.90 -71.71
C ALA C 145 17.55 -33.57 -71.55
N PHE C 146 17.03 -33.07 -72.67
CA PHE C 146 16.17 -31.87 -72.71
C PHE C 146 14.75 -32.22 -73.16
N VAL C 147 14.60 -33.41 -73.75
CA VAL C 147 13.29 -33.99 -74.06
C VAL C 147 12.69 -34.60 -72.78
N GLU C 148 13.26 -34.22 -71.63
CA GLU C 148 12.83 -34.67 -70.30
C GLU C 148 13.19 -33.63 -69.22
N PHE C 149 13.86 -32.56 -69.63
CA PHE C 149 14.44 -31.56 -68.71
C PHE C 149 13.47 -30.46 -68.27
N LEU C 150 12.40 -30.25 -69.02
CA LEU C 150 11.37 -29.27 -68.66
C LEU C 150 10.47 -29.78 -67.52
N GLU C 151 10.59 -31.09 -67.24
CA GLU C 151 9.92 -31.73 -66.11
C GLU C 151 10.81 -31.74 -64.87
N PHE C 152 12.12 -31.58 -65.09
CA PHE C 152 13.12 -31.48 -64.02
C PHE C 152 12.94 -30.21 -63.18
N LEU C 153 12.43 -29.16 -63.82
CA LEU C 153 12.15 -27.90 -63.14
C LEU C 153 10.73 -27.86 -62.61
N GLY C 154 9.94 -26.88 -63.04
CA GLY C 154 8.59 -26.68 -62.51
C GLY C 154 7.52 -27.55 -63.11
N GLN C 155 6.37 -26.95 -63.40
CA GLN C 155 5.24 -27.64 -64.00
C GLN C 155 4.69 -26.80 -65.17
N LYS C 156 4.54 -27.43 -66.33
CA LYS C 156 4.03 -26.77 -67.53
C LYS C 156 2.61 -26.26 -67.34
N VAL C 157 2.49 -24.97 -67.07
CA VAL C 157 1.18 -24.35 -66.83
C VAL C 157 0.77 -23.43 -67.97
N LYS C 158 -0.53 -23.45 -68.28
CA LYS C 158 -1.09 -22.73 -69.42
C LYS C 158 -1.20 -21.23 -69.11
N LEU C 159 -0.57 -20.41 -69.95
CA LEU C 159 -0.57 -18.95 -69.78
C LEU C 159 -1.97 -18.36 -69.85
N GLN C 160 -2.81 -18.92 -70.71
CA GLN C 160 -4.22 -18.55 -70.78
C GLN C 160 -4.93 -18.94 -69.49
N ASP C 161 -5.62 -17.96 -68.89
CA ASP C 161 -6.32 -18.11 -67.61
C ASP C 161 -5.42 -18.61 -66.48
N PHE C 162 -4.24 -18.00 -66.37
CA PHE C 162 -3.31 -18.25 -65.26
C PHE C 162 -3.33 -17.03 -64.35
N LYS C 163 -3.33 -17.27 -63.04
CA LYS C 163 -3.48 -16.21 -62.04
C LYS C 163 -2.24 -16.00 -61.16
N GLY C 164 -1.17 -16.73 -61.46
CA GLY C 164 0.09 -16.63 -60.70
C GLY C 164 0.99 -15.48 -61.17
N PHE C 165 2.29 -15.66 -61.00
CA PHE C 165 3.25 -14.62 -61.37
C PHE C 165 3.47 -14.57 -62.88
N ARG C 166 3.27 -13.39 -63.46
CA ARG C 166 3.49 -13.18 -64.89
C ARG C 166 4.96 -12.91 -65.19
N GLY C 167 5.41 -11.70 -64.86
CA GLY C 167 6.79 -11.28 -65.10
C GLY C 167 7.06 -10.92 -66.55
N GLY C 168 5.99 -10.60 -67.28
CA GLY C 168 6.09 -10.29 -68.71
C GLY C 168 5.59 -11.43 -69.57
N LEU C 169 4.38 -11.90 -69.29
CA LEU C 169 3.71 -12.90 -70.10
C LEU C 169 2.23 -12.55 -70.29
N ASP C 170 1.44 -13.48 -70.83
CA ASP C 170 0.05 -13.19 -71.18
C ASP C 170 -0.96 -13.93 -70.31
N VAL C 171 -1.86 -13.17 -69.70
CA VAL C 171 -2.86 -13.72 -68.77
C VAL C 171 -4.03 -14.39 -69.51
N THR C 172 -4.50 -13.76 -70.59
CA THR C 172 -5.65 -14.26 -71.36
C THR C 172 -5.49 -14.13 -72.88
N HIS C 173 -4.38 -13.53 -73.32
CA HIS C 173 -4.14 -13.28 -74.75
C HIS C 173 -3.23 -14.31 -75.44
N GLY C 174 -2.31 -14.91 -74.68
CA GLY C 174 -1.42 -15.97 -75.18
C GLY C 174 -0.53 -15.63 -76.36
N GLN C 175 -0.06 -14.39 -76.43
CA GLN C 175 0.80 -13.92 -77.51
C GLN C 175 2.29 -14.21 -77.23
N THR C 176 2.53 -15.09 -76.25
CA THR C 176 3.87 -15.55 -75.91
C THR C 176 3.87 -17.07 -75.78
N GLY C 177 3.27 -17.74 -76.76
CA GLY C 177 2.98 -19.17 -76.66
C GLY C 177 1.73 -19.39 -75.84
N THR C 178 1.40 -20.66 -75.59
CA THR C 178 0.24 -20.98 -74.75
C THR C 178 0.59 -21.85 -73.54
N GLU C 179 1.85 -21.80 -73.12
CA GLU C 179 2.31 -22.43 -71.87
C GLU C 179 3.75 -22.05 -71.49
N SER C 180 4.09 -22.27 -70.23
CA SER C 180 5.45 -22.05 -69.71
C SER C 180 5.76 -22.97 -68.52
N VAL C 181 6.94 -22.78 -67.92
CA VAL C 181 7.37 -23.58 -66.77
C VAL C 181 7.49 -22.72 -65.49
N TYR C 182 6.76 -23.14 -64.45
CA TYR C 182 6.57 -22.37 -63.22
C TYR C 182 6.67 -23.25 -61.97
N CYS C 183 7.15 -22.68 -60.86
CA CYS C 183 7.25 -23.39 -59.58
C CYS C 183 7.24 -22.45 -58.37
N ASN C 184 6.95 -23.02 -57.19
CA ASN C 184 7.03 -22.30 -55.92
C ASN C 184 8.11 -22.89 -55.01
N PHE C 185 9.12 -22.09 -54.69
CA PHE C 185 10.28 -22.56 -53.95
C PHE C 185 10.17 -22.38 -52.45
N ARG C 186 10.40 -21.16 -51.97
CA ARG C 186 10.19 -20.84 -50.56
C ARG C 186 8.82 -20.16 -50.45
N ASN C 187 8.80 -18.87 -50.21
CA ASN C 187 7.60 -18.09 -50.45
C ASN C 187 7.76 -17.38 -51.78
N LYS C 188 8.84 -17.74 -52.47
CA LYS C 188 9.23 -17.11 -53.72
C LYS C 188 8.50 -17.71 -54.91
N GLU C 189 7.94 -16.86 -55.76
CA GLU C 189 7.34 -17.28 -57.02
C GLU C 189 8.38 -17.15 -58.14
N ILE C 190 8.60 -18.25 -58.87
CA ILE C 190 9.55 -18.27 -59.99
C ILE C 190 8.85 -18.64 -61.29
N MET C 191 8.84 -17.69 -62.24
CA MET C 191 8.30 -17.94 -63.58
C MET C 191 9.42 -17.87 -64.61
N PHE C 192 9.64 -18.99 -65.29
CA PHE C 192 10.69 -19.07 -66.29
C PHE C 192 10.26 -18.45 -67.61
N HIS C 193 11.24 -17.92 -68.34
CA HIS C 193 11.06 -17.52 -69.73
C HIS C 193 11.84 -18.48 -70.63
N VAL C 194 11.11 -19.31 -71.37
CA VAL C 194 11.70 -20.36 -72.20
C VAL C 194 11.65 -20.01 -73.70
N SER C 195 12.73 -20.27 -74.42
CA SER C 195 12.81 -19.98 -75.85
C SER C 195 11.83 -20.85 -76.68
N THR C 196 11.78 -22.14 -76.36
CA THR C 196 10.90 -23.09 -77.06
C THR C 196 9.44 -23.03 -76.58
N LYS C 197 9.06 -21.91 -75.96
CA LYS C 197 7.68 -21.65 -75.54
C LYS C 197 7.23 -20.27 -76.00
N LEU C 198 8.17 -19.48 -76.52
CA LEU C 198 7.92 -18.14 -77.01
C LEU C 198 7.85 -18.08 -78.56
N PRO C 199 7.21 -17.03 -79.12
CA PRO C 199 7.02 -16.84 -80.57
C PRO C 199 8.30 -16.84 -81.44
N TYR C 200 8.10 -16.97 -82.76
CA TYR C 200 9.16 -17.24 -83.73
C TYR C 200 8.89 -16.50 -85.05
N THR C 201 9.96 -16.17 -85.80
CA THR C 201 9.85 -15.57 -87.14
C THR C 201 10.87 -16.18 -88.11
N GLU C 202 10.49 -16.31 -89.38
CA GLU C 202 11.36 -16.91 -90.41
C GLU C 202 12.55 -16.02 -90.75
N GLY C 203 13.74 -16.43 -90.30
CA GLY C 203 14.98 -15.68 -90.51
C GLY C 203 14.95 -14.28 -89.93
N ASP C 204 14.60 -14.18 -88.65
CA ASP C 204 14.47 -12.88 -87.96
C ASP C 204 15.82 -12.22 -87.72
N ALA C 205 15.82 -10.90 -87.50
CA ALA C 205 17.03 -10.12 -87.28
C ALA C 205 17.78 -10.48 -85.99
N GLN C 206 17.11 -10.39 -84.84
CA GLN C 206 17.68 -10.81 -83.56
C GLN C 206 16.63 -11.43 -82.61
N GLN C 207 15.56 -11.97 -83.20
CA GLN C 207 14.39 -12.47 -82.47
C GLN C 207 13.77 -11.43 -81.53
N LEU C 208 13.24 -10.37 -82.14
CA LEU C 208 12.58 -9.27 -81.42
C LEU C 208 11.45 -9.76 -80.51
N GLN C 209 11.04 -11.02 -80.71
CA GLN C 209 9.97 -11.64 -79.94
C GLN C 209 10.45 -12.30 -78.64
N ARG C 210 11.75 -12.59 -78.59
CA ARG C 210 12.34 -13.31 -77.43
C ARG C 210 13.48 -12.54 -76.75
N LYS C 211 14.25 -11.78 -77.53
CA LYS C 211 15.44 -11.05 -77.04
C LYS C 211 15.09 -9.90 -76.06
N ARG C 212 13.80 -9.57 -75.98
CA ARG C 212 13.33 -8.59 -74.98
C ARG C 212 12.79 -9.26 -73.71
N HIS C 213 12.24 -10.47 -73.83
CA HIS C 213 11.74 -11.24 -72.69
C HIS C 213 12.88 -11.77 -71.84
N ILE C 214 13.76 -12.57 -72.47
CA ILE C 214 14.90 -13.20 -71.79
C ILE C 214 16.07 -12.21 -71.70
N GLY C 215 15.97 -11.11 -72.45
CA GLY C 215 16.96 -10.05 -72.40
C GLY C 215 16.82 -9.19 -71.15
N ASN C 216 15.63 -9.18 -70.57
CA ASN C 216 15.34 -8.40 -69.36
C ASN C 216 15.27 -9.23 -68.08
N ASP C 217 15.96 -10.38 -68.07
CA ASP C 217 16.09 -11.20 -66.87
C ASP C 217 17.55 -11.23 -66.47
N ILE C 218 17.83 -10.95 -65.20
CA ILE C 218 19.20 -10.79 -64.71
C ILE C 218 20.00 -12.10 -64.68
N VAL C 219 19.31 -13.22 -64.50
CA VAL C 219 19.95 -14.54 -64.52
C VAL C 219 19.25 -15.46 -65.50
N ALA C 220 20.02 -16.27 -66.23
CA ALA C 220 19.49 -17.17 -67.26
C ALA C 220 20.09 -18.59 -67.20
N VAL C 221 19.41 -19.52 -67.85
CA VAL C 221 19.80 -20.92 -67.92
C VAL C 221 20.11 -21.33 -69.37
N VAL C 222 21.27 -21.96 -69.59
CA VAL C 222 21.71 -22.41 -70.92
C VAL C 222 21.96 -23.93 -70.94
N PHE C 223 21.03 -24.68 -71.52
CA PHE C 223 21.15 -26.14 -71.59
C PHE C 223 22.04 -26.59 -72.76
N GLN C 224 23.15 -27.26 -72.44
CA GLN C 224 24.06 -27.81 -73.44
C GLN C 224 24.06 -29.34 -73.42
N ASP C 225 24.85 -29.93 -74.32
CA ASP C 225 25.05 -31.38 -74.35
C ASP C 225 26.55 -31.68 -74.44
N GLU C 226 27.16 -31.16 -75.50
CA GLU C 226 28.59 -31.25 -75.69
C GLU C 226 29.19 -29.93 -75.22
N ASN C 227 30.28 -30.01 -74.47
CA ASN C 227 30.92 -28.84 -73.86
C ASN C 227 31.32 -27.77 -74.87
N THR C 228 30.39 -26.87 -75.17
CA THR C 228 30.56 -25.81 -76.17
C THR C 228 31.03 -24.50 -75.52
N PRO C 229 32.16 -23.93 -76.01
CA PRO C 229 32.72 -22.68 -75.46
C PRO C 229 31.69 -21.55 -75.37
N PHE C 230 31.52 -21.02 -74.16
CA PHE C 230 30.47 -20.04 -73.87
C PHE C 230 30.99 -18.79 -73.13
N VAL C 231 31.29 -17.75 -73.90
CA VAL C 231 31.76 -16.47 -73.36
C VAL C 231 30.65 -15.74 -72.59
N PRO C 232 31.01 -14.84 -71.65
CA PRO C 232 29.99 -13.98 -71.06
C PRO C 232 29.40 -12.95 -72.05
N ASP C 233 30.16 -12.64 -73.10
CA ASP C 233 29.78 -11.62 -74.09
C ASP C 233 28.93 -12.14 -75.27
N MET C 234 28.09 -13.15 -75.01
CA MET C 234 27.30 -13.80 -76.05
C MET C 234 26.23 -12.90 -76.68
N ILE C 235 25.66 -12.01 -75.88
CA ILE C 235 24.62 -11.09 -76.32
C ILE C 235 24.89 -9.68 -75.77
N ALA C 236 24.88 -8.68 -76.67
CA ALA C 236 25.05 -7.29 -76.25
C ALA C 236 23.74 -6.75 -75.66
N SER C 237 23.64 -6.80 -74.34
CA SER C 237 22.41 -6.46 -73.63
C SER C 237 22.67 -5.91 -72.22
N ASN C 238 21.76 -5.09 -71.73
CA ASN C 238 21.91 -4.43 -70.42
C ASN C 238 21.69 -5.34 -69.20
N PHE C 239 20.47 -5.86 -69.05
CA PHE C 239 20.03 -6.51 -67.81
C PHE C 239 20.36 -8.02 -67.71
N LEU C 240 21.63 -8.36 -67.89
CA LEU C 240 22.11 -9.74 -67.78
C LEU C 240 23.48 -9.74 -67.11
N HIS C 241 23.66 -10.62 -66.13
CA HIS C 241 24.91 -10.68 -65.37
C HIS C 241 25.31 -12.09 -64.92
N ALA C 242 24.41 -13.07 -65.10
CA ALA C 242 24.65 -14.43 -64.59
C ALA C 242 24.04 -15.55 -65.45
N TYR C 243 24.86 -16.57 -65.74
CA TYR C 243 24.44 -17.73 -66.53
C TYR C 243 24.79 -19.06 -65.85
N VAL C 244 23.88 -20.02 -65.95
CA VAL C 244 24.13 -21.38 -65.46
C VAL C 244 24.06 -22.39 -66.61
N VAL C 245 25.03 -23.31 -66.66
CA VAL C 245 25.13 -24.30 -67.74
C VAL C 245 24.86 -25.72 -67.25
N VAL C 246 23.97 -26.41 -67.98
CA VAL C 246 23.55 -27.79 -67.67
C VAL C 246 23.91 -28.74 -68.81
N GLN C 247 24.75 -29.74 -68.52
CA GLN C 247 25.25 -30.70 -69.53
C GLN C 247 24.58 -32.07 -69.43
N ALA C 248 24.37 -32.72 -70.58
CA ALA C 248 23.64 -34.00 -70.66
C ALA C 248 24.54 -35.24 -70.67
N GLU C 249 24.06 -36.32 -70.07
CA GLU C 249 24.78 -37.60 -70.00
C GLU C 249 23.81 -38.75 -69.70
N GLY C 250 24.34 -39.96 -69.45
CA GLY C 250 23.54 -41.13 -69.13
C GLY C 250 24.17 -42.04 -68.07
N GLY C 251 23.33 -42.82 -67.39
CA GLY C 251 23.80 -43.79 -66.42
C GLY C 251 22.89 -43.91 -65.22
N PRO C 256 21.01 -40.72 -65.99
CA PRO C 256 21.43 -39.42 -66.52
C PRO C 256 22.30 -38.63 -65.53
N LEU C 257 23.38 -38.03 -66.03
CA LEU C 257 24.32 -37.25 -65.20
C LEU C 257 24.38 -35.78 -65.68
N TYR C 258 24.76 -34.87 -64.79
CA TYR C 258 24.77 -33.42 -65.09
C TYR C 258 26.05 -32.69 -64.66
N LYS C 259 26.40 -31.63 -65.41
CA LYS C 259 27.53 -30.76 -65.06
C LYS C 259 27.09 -29.34 -64.62
N VAL C 260 28.05 -28.56 -64.12
CA VAL C 260 27.80 -27.23 -63.53
C VAL C 260 28.52 -26.12 -64.33
N SER C 261 28.20 -24.86 -64.03
CA SER C 261 28.86 -23.69 -64.63
C SER C 261 28.62 -22.39 -63.83
N VAL C 262 29.67 -21.59 -63.66
CA VAL C 262 29.61 -20.35 -62.88
C VAL C 262 29.92 -19.08 -63.71
N THR C 263 29.14 -18.86 -64.77
CA THR C 263 29.43 -17.81 -65.76
C THR C 263 28.91 -16.41 -65.38
N ALA C 264 29.84 -15.48 -65.20
CA ALA C 264 29.53 -14.07 -64.94
C ALA C 264 30.71 -13.20 -65.35
N ARG C 265 30.43 -11.93 -65.67
CA ARG C 265 31.49 -10.94 -65.86
C ARG C 265 32.01 -10.50 -64.50
N ASP C 266 32.33 -11.50 -63.67
CA ASP C 266 32.47 -11.34 -62.20
C ASP C 266 32.63 -9.91 -61.68
N ASP C 267 31.59 -9.13 -61.91
CA ASP C 267 31.34 -7.89 -61.21
C ASP C 267 30.72 -8.32 -59.87
N VAL C 268 30.28 -9.58 -59.86
CA VAL C 268 29.65 -10.24 -58.73
C VAL C 268 30.66 -10.87 -57.77
N PRO C 269 30.36 -10.86 -56.45
CA PRO C 269 31.13 -11.67 -55.53
C PRO C 269 30.65 -13.11 -55.59
N PHE C 270 31.24 -13.99 -54.78
CA PHE C 270 30.83 -15.38 -54.72
C PHE C 270 29.41 -15.49 -54.16
N PHE C 271 28.68 -16.53 -54.58
CA PHE C 271 27.28 -16.65 -54.25
C PHE C 271 26.77 -18.10 -54.28
N GLY C 272 25.57 -18.30 -53.75
CA GLY C 272 24.85 -19.56 -53.83
C GLY C 272 25.45 -20.69 -53.03
N PRO C 273 24.78 -21.85 -53.02
CA PRO C 273 25.40 -23.06 -52.48
C PRO C 273 26.63 -23.39 -53.34
N PRO C 274 27.83 -23.32 -52.73
CA PRO C 274 29.10 -23.39 -53.46
C PRO C 274 29.23 -24.60 -54.40
N LEU C 275 29.98 -24.42 -55.49
CA LEU C 275 30.13 -25.44 -56.54
C LEU C 275 31.02 -26.62 -56.12
N PRO C 276 30.49 -27.86 -56.14
CA PRO C 276 31.25 -29.05 -55.75
C PRO C 276 32.44 -29.37 -56.69
N ASP C 277 33.50 -29.98 -56.14
CA ASP C 277 34.74 -30.28 -56.89
C ASP C 277 34.50 -31.11 -58.17
N PRO C 278 33.84 -32.29 -58.05
CA PRO C 278 33.18 -32.82 -59.24
C PRO C 278 31.74 -32.30 -59.33
N ALA C 279 31.15 -32.34 -60.52
CA ALA C 279 29.72 -32.07 -60.65
C ALA C 279 28.94 -33.28 -60.13
N VAL C 280 29.36 -33.77 -58.95
CA VAL C 280 28.99 -35.08 -58.38
C VAL C 280 27.48 -35.34 -58.22
N PHE C 281 26.70 -34.26 -58.16
CA PHE C 281 25.24 -34.36 -58.02
C PHE C 281 24.59 -34.47 -59.41
N ARG C 282 23.57 -35.32 -59.53
CA ARG C 282 23.02 -35.71 -60.84
C ARG C 282 21.52 -35.40 -61.04
N LYS C 283 20.67 -36.43 -61.01
CA LYS C 283 19.28 -36.31 -61.45
C LYS C 283 18.26 -36.29 -60.30
N GLY C 284 16.99 -36.24 -60.65
CA GLY C 284 15.87 -36.37 -59.68
C GLY C 284 15.31 -35.06 -59.17
N PRO C 285 14.61 -35.11 -58.00
CA PRO C 285 14.24 -33.89 -57.26
C PRO C 285 15.40 -33.37 -56.39
N GLU C 286 16.39 -34.24 -56.20
CA GLU C 286 17.64 -33.93 -55.49
C GLU C 286 18.28 -32.63 -55.95
N PHE C 287 18.44 -32.46 -57.27
CA PHE C 287 19.20 -31.37 -57.85
C PHE C 287 18.39 -30.09 -58.06
N GLN C 288 17.05 -30.21 -58.08
CA GLN C 288 16.17 -29.05 -58.28
C GLN C 288 16.29 -28.04 -57.15
N GLU C 289 16.68 -28.52 -55.98
CA GLU C 289 16.94 -27.66 -54.82
C GLU C 289 18.27 -26.91 -54.98
N PHE C 290 19.34 -27.63 -55.34
CA PHE C 290 20.66 -27.03 -55.48
C PHE C 290 20.73 -25.96 -56.57
N LEU C 291 19.97 -26.17 -57.65
CA LEU C 291 19.96 -25.24 -58.78
C LEU C 291 19.26 -23.92 -58.43
N LEU C 292 17.98 -24.03 -58.05
CA LEU C 292 17.16 -22.85 -57.78
C LEU C 292 17.75 -21.91 -56.72
N THR C 293 18.33 -22.48 -55.66
CA THR C 293 19.02 -21.70 -54.63
C THR C 293 20.18 -20.87 -55.20
N LYS C 294 20.92 -21.46 -56.14
CA LYS C 294 22.04 -20.78 -56.76
C LYS C 294 21.56 -19.65 -57.68
N LEU C 295 20.46 -19.91 -58.39
CA LEU C 295 19.87 -18.92 -59.31
C LEU C 295 19.49 -17.62 -58.61
N ILE C 296 18.80 -17.74 -57.48
CA ILE C 296 18.36 -16.58 -56.70
C ILE C 296 19.56 -15.82 -56.14
N ASN C 297 20.43 -16.55 -55.45
CA ASN C 297 21.65 -15.97 -54.88
C ASN C 297 22.55 -15.34 -55.94
N ALA C 298 22.43 -15.84 -57.17
CA ALA C 298 23.08 -15.23 -58.32
C ALA C 298 22.59 -13.80 -58.47
N GLU C 299 21.28 -13.63 -58.62
CA GLU C 299 20.66 -12.32 -58.75
C GLU C 299 21.01 -11.39 -57.59
N TYR C 300 21.02 -11.93 -56.38
CA TYR C 300 21.31 -11.13 -55.20
C TYR C 300 22.70 -10.53 -55.22
N ALA C 301 23.68 -11.34 -55.64
CA ALA C 301 25.06 -10.87 -55.78
C ALA C 301 25.15 -9.73 -56.80
N CYS C 302 24.41 -9.88 -57.89
CA CYS C 302 24.42 -8.95 -59.01
C CYS C 302 24.04 -7.52 -58.66
N TYR C 303 23.28 -7.34 -57.58
CA TYR C 303 22.82 -6.01 -57.17
C TYR C 303 23.91 -5.10 -56.60
N LYS C 304 25.04 -5.69 -56.20
CA LYS C 304 26.21 -4.89 -55.80
C LYS C 304 27.00 -4.40 -57.03
N ALA C 305 26.84 -5.11 -58.16
CA ALA C 305 27.50 -4.76 -59.43
C ALA C 305 27.13 -3.35 -59.90
N GLU C 306 28.16 -2.59 -60.28
CA GLU C 306 28.05 -1.14 -60.54
C GLU C 306 26.71 -0.66 -61.13
N LYS C 307 26.24 -1.32 -62.18
CA LYS C 307 25.00 -0.95 -62.87
C LYS C 307 23.79 -0.85 -61.92
N PHE C 308 23.64 -1.84 -61.05
CA PHE C 308 22.52 -1.91 -60.10
C PHE C 308 22.79 -1.16 -58.81
N ALA C 309 24.08 -0.99 -58.48
CA ALA C 309 24.50 -0.30 -57.27
C ALA C 309 24.08 1.17 -57.26
N LYS C 310 24.24 1.83 -58.40
CA LYS C 310 23.84 3.23 -58.54
C LYS C 310 22.34 3.36 -58.85
N LEU C 311 21.73 2.27 -59.32
CA LEU C 311 20.28 2.21 -59.50
C LEU C 311 19.60 2.20 -58.14
N GLU C 312 20.08 1.34 -57.24
CA GLU C 312 19.52 1.22 -55.89
C GLU C 312 19.67 2.50 -55.09
N GLU C 313 20.84 3.12 -55.17
CA GLU C 313 21.14 4.38 -54.47
C GLU C 313 20.22 5.53 -54.90
N ARG C 314 19.33 5.24 -55.84
CA ARG C 314 18.39 6.22 -56.36
C ARG C 314 16.95 5.69 -56.26
N THR C 315 16.80 4.37 -56.38
CA THR C 315 15.53 3.69 -56.09
C THR C 315 15.18 3.89 -54.61
N ARG C 316 16.20 3.75 -53.77
CA ARG C 316 16.10 3.98 -52.33
C ARG C 316 15.90 5.47 -52.03
N ALA C 317 16.72 6.31 -52.66
CA ALA C 317 16.66 7.75 -52.46
C ALA C 317 15.27 8.33 -52.70
N ALA C 318 14.55 7.74 -53.64
CA ALA C 318 13.20 8.18 -53.96
C ALA C 318 12.20 7.72 -52.91
N LEU C 319 12.38 6.50 -52.41
CA LEU C 319 11.47 5.90 -51.42
C LEU C 319 11.61 6.58 -50.06
N LEU C 320 12.85 6.83 -49.66
CA LEU C 320 13.15 7.54 -48.41
C LEU C 320 12.69 8.99 -48.46
N GLU C 321 12.57 9.55 -49.67
CA GLU C 321 12.11 10.93 -49.86
C GLU C 321 10.59 11.03 -49.65
N THR C 322 9.84 10.11 -50.26
CA THR C 322 8.39 10.08 -50.08
C THR C 322 7.99 9.62 -48.68
N LEU C 323 8.80 8.75 -48.07
CA LEU C 323 8.56 8.31 -46.69
C LEU C 323 8.72 9.45 -45.68
N TYR C 324 9.84 10.17 -45.78
CA TYR C 324 10.11 11.33 -44.94
C TYR C 324 8.91 12.27 -44.95
N GLU C 325 8.48 12.66 -46.14
CA GLU C 325 7.37 13.60 -46.28
C GLU C 325 6.13 13.09 -45.55
N GLU C 326 5.75 11.84 -45.82
CA GLU C 326 4.56 11.20 -45.25
C GLU C 326 4.55 11.24 -43.72
N LEU C 327 5.70 10.97 -43.10
CA LEU C 327 5.83 11.03 -41.65
C LEU C 327 5.73 12.46 -41.11
N HIS C 328 6.38 13.39 -41.82
CA HIS C 328 6.39 14.81 -41.43
C HIS C 328 5.01 15.45 -41.56
N ILE C 329 4.36 15.27 -42.71
CA ILE C 329 3.04 15.86 -42.94
C ILE C 329 2.04 15.34 -41.90
N HIS C 330 2.03 14.03 -41.69
CA HIS C 330 1.06 13.39 -40.81
C HIS C 330 1.30 13.65 -39.32
N SER C 331 2.51 14.06 -38.96
CA SER C 331 2.80 14.46 -37.59
C SER C 331 2.51 15.94 -37.35
N GLN C 332 2.69 16.76 -38.39
CA GLN C 332 2.30 18.17 -38.35
C GLN C 332 0.85 18.27 -37.96
N SER C 333 0.04 17.42 -38.60
CA SER C 333 -1.41 17.42 -38.44
C SER C 333 -1.84 16.90 -37.08
N MET C 334 -1.16 15.86 -36.59
CA MET C 334 -1.50 15.24 -35.31
C MET C 334 -1.43 16.26 -34.18
N MET C 335 -0.58 17.27 -34.34
CA MET C 335 -0.43 18.34 -33.36
C MET C 335 -1.52 19.40 -33.53
N GLY C 336 -1.58 19.96 -34.74
CA GLY C 336 -2.46 21.08 -35.05
C GLY C 336 -1.82 21.87 -36.19
N LEU C 337 -2.39 21.73 -37.39
CA LEU C 337 -1.88 22.39 -38.60
C LEU C 337 -2.75 23.59 -39.04
N GLY C 338 -4.06 23.37 -39.21
CA GLY C 338 -5.00 24.41 -39.66
C GLY C 338 -6.47 24.12 -39.39
N GLY C 339 -7.29 25.18 -39.49
CA GLY C 339 -8.74 25.09 -39.23
C GLY C 339 -9.54 24.68 -40.47
N MET D 1 6.40 33.34 12.11
CA MET D 1 6.35 31.91 12.51
C MET D 1 6.64 30.95 11.35
N ARG D 2 7.49 29.97 11.64
CA ARG D 2 7.83 28.89 10.70
C ARG D 2 6.71 27.83 10.72
N GLU D 3 6.65 27.01 9.67
CA GLU D 3 5.71 25.88 9.64
C GLU D 3 6.42 24.54 9.78
N TYR D 4 5.96 23.75 10.76
CA TYR D 4 6.53 22.45 11.05
C TYR D 4 5.50 21.37 10.72
N LYS D 5 5.85 20.48 9.80
CA LYS D 5 4.94 19.41 9.42
C LYS D 5 5.31 18.16 10.21
N LEU D 6 4.53 17.89 11.25
CA LEU D 6 4.79 16.75 12.14
C LEU D 6 3.83 15.60 11.90
N VAL D 7 4.36 14.39 11.99
CA VAL D 7 3.58 13.18 11.75
C VAL D 7 3.71 12.25 12.94
N VAL D 8 2.58 11.93 13.56
CA VAL D 8 2.53 10.94 14.63
C VAL D 8 1.96 9.62 14.11
N LEU D 9 2.78 8.58 14.13
CA LEU D 9 2.38 7.26 13.66
C LEU D 9 2.71 6.12 14.63
N GLY D 10 2.10 4.97 14.37
CA GLY D 10 2.17 3.81 15.27
C GLY D 10 0.92 2.99 15.07
N SER D 11 0.87 1.83 15.73
CA SER D 11 -0.23 0.88 15.51
C SER D 11 -1.47 1.23 16.32
N GLY D 12 -2.53 0.46 16.12
CA GLY D 12 -3.84 0.75 16.72
C GLY D 12 -3.93 0.92 18.22
N GLY D 13 -4.72 1.91 18.64
CA GLY D 13 -5.03 2.13 20.05
C GLY D 13 -3.91 2.46 21.01
N VAL D 14 -2.74 2.87 20.49
CA VAL D 14 -1.62 3.25 21.37
C VAL D 14 -1.79 4.65 21.97
N GLY D 15 -2.74 5.41 21.39
CA GLY D 15 -3.08 6.75 21.89
C GLY D 15 -2.57 7.88 21.01
N LYS D 16 -2.62 7.69 19.70
CA LYS D 16 -2.11 8.70 18.78
C LYS D 16 -3.10 9.85 18.67
N SER D 17 -4.37 9.52 18.51
CA SER D 17 -5.42 10.52 18.46
C SER D 17 -5.50 11.25 19.80
N ALA D 18 -5.44 10.48 20.89
CA ALA D 18 -5.46 11.02 22.26
C ALA D 18 -4.33 12.01 22.48
N LEU D 19 -3.10 11.54 22.32
CA LEU D 19 -1.93 12.40 22.45
C LEU D 19 -2.02 13.67 21.61
N THR D 20 -2.72 13.59 20.49
CA THR D 20 -2.79 14.73 19.58
C THR D 20 -3.87 15.73 19.98
N VAL D 21 -5.09 15.26 20.23
CA VAL D 21 -6.17 16.16 20.66
C VAL D 21 -5.91 16.75 22.05
N GLN D 22 -5.17 16.02 22.88
CA GLN D 22 -4.73 16.53 24.17
C GLN D 22 -3.79 17.71 23.98
N PHE D 23 -2.85 17.56 23.05
CA PHE D 23 -1.90 18.62 22.76
C PHE D 23 -2.56 19.83 22.12
N VAL D 24 -3.43 19.60 21.14
CA VAL D 24 -4.03 20.73 20.42
C VAL D 24 -5.22 21.36 21.12
N GLN D 25 -6.09 20.53 21.70
CA GLN D 25 -7.32 21.01 22.30
C GLN D 25 -7.34 20.90 23.83
N GLY D 26 -6.29 20.31 24.39
CA GLY D 26 -6.18 20.14 25.85
C GLY D 26 -7.30 19.30 26.47
N ILE D 27 -7.82 18.35 25.69
CA ILE D 27 -8.97 17.52 26.08
C ILE D 27 -8.62 16.03 25.98
N PHE D 28 -9.08 15.23 26.95
CA PHE D 28 -8.79 13.80 26.90
C PHE D 28 -9.88 13.01 26.19
N VAL D 29 -9.54 12.42 25.06
CA VAL D 29 -10.46 11.51 24.39
C VAL D 29 -10.35 10.14 25.06
N GLU D 30 -11.50 9.59 25.48
CA GLU D 30 -11.54 8.34 26.23
C GLU D 30 -12.15 7.17 25.47
N LYS D 31 -13.10 7.46 24.58
CA LYS D 31 -13.67 6.43 23.70
C LYS D 31 -12.66 6.10 22.59
N TYR D 32 -12.50 4.82 22.29
CA TYR D 32 -11.57 4.44 21.23
C TYR D 32 -12.27 4.45 19.86
N ASP D 33 -11.95 5.47 19.08
CA ASP D 33 -12.60 5.72 17.80
C ASP D 33 -11.55 5.68 16.69
N PRO D 34 -11.23 4.47 16.17
CA PRO D 34 -10.15 4.30 15.21
C PRO D 34 -10.20 5.34 14.11
N THR D 35 -9.07 6.01 13.89
CA THR D 35 -9.01 7.09 12.92
C THR D 35 -8.51 6.61 11.57
N ILE D 36 -9.02 7.21 10.51
CA ILE D 36 -8.47 7.05 9.17
C ILE D 36 -7.39 8.10 9.03
N GLU D 37 -7.78 9.37 9.16
CA GLU D 37 -6.84 10.48 9.12
C GLU D 37 -7.48 11.77 9.66
N ASP D 38 -6.85 12.34 10.67
CA ASP D 38 -7.19 13.67 11.14
C ASP D 38 -5.91 14.49 11.13
N SER D 39 -6.05 15.81 11.06
CA SER D 39 -4.91 16.71 11.14
C SER D 39 -5.33 18.01 11.80
N TYR D 40 -4.47 18.52 12.68
CA TYR D 40 -4.76 19.74 13.43
C TYR D 40 -3.60 20.71 13.27
N ARG D 41 -3.89 22.00 13.42
CA ARG D 41 -2.84 23.00 13.40
C ARG D 41 -2.88 23.87 14.64
N LYS D 42 -1.87 23.72 15.50
CA LYS D 42 -1.72 24.55 16.69
C LYS D 42 -0.71 25.68 16.50
N GLN D 43 -0.72 26.59 17.46
CA GLN D 43 0.11 27.78 17.42
C GLN D 43 0.74 27.88 18.79
N VAL D 44 2.04 27.61 18.88
CA VAL D 44 2.74 27.70 20.17
C VAL D 44 4.22 28.04 20.03
N GLU D 45 4.80 28.61 21.09
CA GLU D 45 6.18 29.08 21.05
C GLU D 45 7.17 28.10 21.65
N VAL D 46 8.33 27.97 21.00
CA VAL D 46 9.43 27.13 21.52
C VAL D 46 10.75 27.90 21.49
N ASP D 47 11.21 28.27 22.68
CA ASP D 47 12.36 29.16 22.90
C ASP D 47 12.46 30.36 21.96
N ALA D 48 11.82 31.46 22.36
CA ALA D 48 11.83 32.76 21.65
C ALA D 48 11.29 32.73 20.22
N GLN D 49 11.89 31.91 19.37
CA GLN D 49 11.38 31.66 18.03
C GLN D 49 10.05 30.90 18.15
N GLN D 50 8.97 31.54 17.73
CA GLN D 50 7.63 30.94 17.89
C GLN D 50 7.06 30.33 16.59
N CYS D 51 6.28 29.25 16.74
CA CYS D 51 6.00 28.32 15.64
C CYS D 51 4.54 27.99 15.41
N MET D 52 4.26 27.51 14.20
CA MET D 52 2.91 27.13 13.77
C MET D 52 2.91 25.69 13.26
N LEU D 53 2.47 24.77 14.11
CA LEU D 53 2.60 23.33 13.90
C LEU D 53 1.41 22.69 13.22
N GLU D 54 1.66 21.89 12.20
CA GLU D 54 0.63 21.03 11.64
C GLU D 54 0.93 19.58 12.02
N ILE D 55 0.00 18.97 12.75
CA ILE D 55 0.15 17.58 13.22
C ILE D 55 -0.74 16.65 12.41
N LEU D 56 -0.15 15.57 11.91
CA LEU D 56 -0.90 14.54 11.19
C LEU D 56 -1.11 13.29 12.06
N ASP D 57 -2.36 13.05 12.41
CA ASP D 57 -2.75 11.88 13.19
C ASP D 57 -3.08 10.74 12.22
N THR D 58 -2.13 9.85 12.03
CA THR D 58 -2.24 8.77 11.04
C THR D 58 -3.07 7.60 11.53
N ALA D 59 -3.45 6.71 10.60
CA ALA D 59 -4.14 5.48 10.92
C ALA D 59 -3.17 4.46 11.50
N GLY D 60 -3.68 3.62 12.41
CA GLY D 60 -2.90 2.54 13.03
C GLY D 60 -2.79 1.31 12.14
N THR D 61 -3.73 1.18 11.20
CA THR D 61 -3.64 0.21 10.12
C THR D 61 -2.44 0.59 9.26
N GLU D 62 -1.93 -0.36 8.49
CA GLU D 62 -0.78 -0.11 7.64
C GLU D 62 -1.21 -0.20 6.16
N GLN D 63 -2.47 0.20 5.91
CA GLN D 63 -3.19 -0.15 4.68
C GLN D 63 -2.78 0.53 3.38
N PHE D 64 -3.02 1.84 3.26
CA PHE D 64 -2.97 2.49 1.93
C PHE D 64 -1.58 2.87 1.42
N THR D 65 -0.81 1.85 1.00
CA THR D 65 0.65 1.96 0.77
C THR D 65 1.08 3.27 0.13
N ALA D 66 0.48 3.61 -1.01
CA ALA D 66 0.82 4.84 -1.74
C ALA D 66 0.69 6.06 -0.84
N MET D 67 -0.54 6.29 -0.35
CA MET D 67 -0.84 7.43 0.53
C MET D 67 0.02 7.43 1.79
N ARG D 68 0.04 6.27 2.48
CA ARG D 68 0.87 6.06 3.67
C ARG D 68 2.31 6.53 3.43
N ASP D 69 2.85 6.17 2.27
CA ASP D 69 4.23 6.49 1.87
C ASP D 69 4.45 7.98 1.67
N LEU D 70 3.42 8.67 1.18
CA LEU D 70 3.47 10.12 1.02
C LEU D 70 3.62 10.89 2.34
N TYR D 71 3.06 10.35 3.41
CA TYR D 71 3.29 10.94 4.73
C TYR D 71 4.78 10.99 5.03
N MET D 72 5.49 9.95 4.59
CA MET D 72 6.92 9.80 4.84
C MET D 72 7.77 10.86 4.16
N LYS D 73 7.46 11.17 2.91
CA LYS D 73 8.17 12.22 2.17
C LYS D 73 7.95 13.60 2.79
N ASN D 74 6.71 14.07 2.74
CA ASN D 74 6.37 15.43 3.14
C ASN D 74 6.52 15.75 4.62
N GLY D 75 6.67 14.71 5.44
CA GLY D 75 6.82 14.90 6.88
C GLY D 75 8.20 15.40 7.24
N GLN D 76 8.27 16.28 8.23
CA GLN D 76 9.56 16.80 8.70
C GLN D 76 10.03 16.11 9.97
N GLY D 77 9.10 15.89 10.90
CA GLY D 77 9.41 15.21 12.17
C GLY D 77 8.42 14.11 12.47
N PHE D 78 8.91 13.03 13.08
CA PHE D 78 8.13 11.82 13.28
C PHE D 78 8.09 11.31 14.72
N ALA D 79 6.86 11.22 15.25
CA ALA D 79 6.60 10.61 16.54
C ALA D 79 6.17 9.16 16.35
N LEU D 80 7.01 8.23 16.77
CA LEU D 80 6.70 6.80 16.70
C LEU D 80 6.21 6.31 18.06
N VAL D 81 4.91 6.00 18.13
CA VAL D 81 4.25 5.73 19.41
C VAL D 81 3.89 4.25 19.58
N TYR D 82 4.08 3.78 20.81
CA TYR D 82 3.63 2.47 21.21
C TYR D 82 2.96 2.59 22.58
N SER D 83 2.31 1.51 23.02
CA SER D 83 1.68 1.48 24.34
C SER D 83 2.56 0.68 25.28
N ILE D 84 2.77 1.15 26.51
CA ILE D 84 3.54 0.34 27.48
C ILE D 84 2.76 -0.90 27.93
N THR D 85 1.52 -0.99 27.46
CA THR D 85 0.56 -2.01 27.84
C THR D 85 0.53 -3.18 26.87
N ALA D 86 0.56 -2.90 25.57
CA ALA D 86 0.60 -3.99 24.58
C ALA D 86 1.97 -4.04 23.92
N GLN D 87 2.67 -5.14 24.10
CA GLN D 87 4.03 -5.26 23.57
C GLN D 87 4.04 -5.45 22.06
N SER D 88 3.01 -6.10 21.52
CA SER D 88 2.90 -6.27 20.08
C SER D 88 2.99 -4.94 19.36
N THR D 89 2.59 -3.87 20.05
CA THR D 89 2.57 -2.52 19.48
C THR D 89 3.96 -1.90 19.48
N PHE D 90 4.81 -2.40 20.37
CA PHE D 90 6.19 -1.97 20.48
C PHE D 90 7.05 -2.59 19.37
N ASN D 91 6.76 -3.84 19.03
CA ASN D 91 7.47 -4.56 17.96
C ASN D 91 7.05 -4.07 16.59
N ASP D 92 5.89 -3.44 16.49
CA ASP D 92 5.39 -2.85 15.24
C ASP D 92 6.25 -1.69 14.75
N LEU D 93 7.07 -1.13 15.64
CA LEU D 93 7.82 0.06 15.32
C LEU D 93 9.00 -0.22 14.41
N GLN D 94 9.65 -1.36 14.58
CA GLN D 94 10.91 -1.60 13.88
C GLN D 94 10.86 -1.26 12.38
N ASP D 95 10.03 -1.95 11.61
CA ASP D 95 10.00 -1.67 10.16
C ASP D 95 9.07 -0.51 9.80
N LEU D 96 8.76 0.31 10.81
CA LEU D 96 8.14 1.58 10.56
C LEU D 96 9.25 2.61 10.54
N ARG D 97 10.11 2.55 11.55
CA ARG D 97 11.36 3.34 11.59
C ARG D 97 12.20 3.08 10.34
N GLU D 98 12.33 1.80 9.97
CA GLU D 98 13.10 1.39 8.81
C GLU D 98 12.48 1.92 7.52
N GLN D 99 11.15 1.97 7.50
CA GLN D 99 10.45 2.47 6.35
C GLN D 99 10.66 3.97 6.17
N ILE D 100 10.67 4.71 7.28
CA ILE D 100 10.99 6.15 7.26
C ILE D 100 12.36 6.37 6.60
N LEU D 101 13.39 5.80 7.22
CA LEU D 101 14.77 6.00 6.79
C LEU D 101 14.94 5.67 5.33
N ARG D 102 14.25 4.62 4.90
CA ARG D 102 14.26 4.19 3.51
C ARG D 102 13.71 5.26 2.57
N VAL D 103 12.54 5.81 2.91
CA VAL D 103 11.92 6.85 2.08
C VAL D 103 12.68 8.19 2.13
N LYS D 104 13.15 8.57 3.31
CA LYS D 104 13.92 9.80 3.47
C LYS D 104 15.33 9.68 2.92
N ASP D 105 15.81 8.44 2.83
CA ASP D 105 17.15 8.10 2.32
C ASP D 105 18.30 8.41 3.29
N THR D 106 18.06 9.23 4.30
CA THR D 106 19.04 9.44 5.37
C THR D 106 18.52 8.79 6.63
N ASP D 107 19.41 8.61 7.60
CA ASP D 107 18.99 8.30 8.95
C ASP D 107 19.02 9.58 9.80
N ASP D 108 19.23 10.71 9.12
CA ASP D 108 19.21 12.02 9.75
C ASP D 108 17.81 12.61 9.61
N VAL D 109 16.85 12.00 10.30
CA VAL D 109 15.44 12.43 10.26
C VAL D 109 14.93 12.63 11.68
N PRO D 110 14.41 13.85 11.98
CA PRO D 110 13.80 14.21 13.27
C PRO D 110 12.82 13.15 13.80
N MET D 111 13.25 12.43 14.84
CA MET D 111 12.57 11.23 15.31
C MET D 111 12.42 11.26 16.82
N ILE D 112 11.20 10.95 17.29
CA ILE D 112 10.97 10.74 18.72
C ILE D 112 10.17 9.46 18.99
N LEU D 113 10.71 8.65 19.90
CA LEU D 113 10.07 7.43 20.36
C LEU D 113 9.20 7.73 21.57
N VAL D 114 7.97 7.23 21.55
CA VAL D 114 6.97 7.62 22.54
C VAL D 114 6.30 6.42 23.21
N GLY D 115 6.75 6.11 24.42
CA GLY D 115 6.13 5.07 25.25
C GLY D 115 4.90 5.62 25.96
N ASN D 116 3.76 5.62 25.26
CA ASN D 116 2.56 6.20 25.81
C ASN D 116 1.85 5.31 26.84
N LYS D 117 0.83 5.90 27.49
CA LYS D 117 -0.01 5.26 28.51
C LYS D 117 0.72 4.94 29.81
N CYS D 118 1.69 5.77 30.19
CA CYS D 118 2.55 5.48 31.35
C CYS D 118 1.85 5.68 32.70
N ASP D 119 0.61 6.16 32.67
CA ASP D 119 -0.21 6.27 33.87
C ASP D 119 -0.68 4.89 34.35
N LEU D 120 -0.74 3.93 33.43
CA LEU D 120 -1.16 2.56 33.75
C LEU D 120 0.03 1.65 34.09
N GLU D 121 0.75 2.01 35.14
CA GLU D 121 1.97 1.31 35.53
C GLU D 121 1.75 -0.18 35.79
N ASP D 122 0.64 -0.51 36.43
CA ASP D 122 0.31 -1.89 36.77
C ASP D 122 -0.05 -2.76 35.57
N GLU D 123 -0.20 -2.14 34.41
CA GLU D 123 -0.50 -2.87 33.18
C GLU D 123 0.73 -3.01 32.29
N ARG D 124 1.82 -2.37 32.72
CA ARG D 124 3.07 -2.31 31.96
C ARG D 124 3.61 -3.68 31.61
N VAL D 125 3.90 -3.88 30.33
CA VAL D 125 4.59 -5.08 29.87
C VAL D 125 5.89 -4.71 29.15
N VAL D 126 5.94 -3.47 28.65
CA VAL D 126 7.14 -2.94 28.03
C VAL D 126 7.91 -2.21 29.10
N GLY D 127 9.16 -2.61 29.32
CA GLY D 127 9.99 -2.00 30.36
C GLY D 127 10.34 -0.57 30.05
N LYS D 128 10.69 0.19 31.09
CA LYS D 128 11.25 1.54 30.94
C LYS D 128 12.59 1.42 30.21
N GLU D 129 13.39 0.45 30.65
CA GLU D 129 14.69 0.15 30.03
C GLU D 129 14.58 -0.36 28.59
N GLN D 130 13.61 -1.23 28.34
CA GLN D 130 13.33 -1.74 27.01
C GLN D 130 13.35 -0.64 25.96
N GLY D 131 12.41 0.30 26.10
CA GLY D 131 12.19 1.34 25.12
C GLY D 131 13.35 2.31 25.05
N GLN D 132 13.96 2.56 26.20
CA GLN D 132 15.11 3.46 26.29
C GLN D 132 16.23 2.98 25.36
N ASN D 133 16.54 1.68 25.42
CA ASN D 133 17.64 1.08 24.66
C ASN D 133 17.31 0.76 23.21
N LEU D 134 16.02 0.74 22.88
CA LEU D 134 15.61 0.63 21.47
C LEU D 134 15.80 1.99 20.82
N ALA D 135 15.61 3.05 21.59
CA ALA D 135 15.87 4.42 21.14
C ALA D 135 17.35 4.61 20.90
N ARG D 136 18.17 4.02 21.77
CA ARG D 136 19.62 4.04 21.61
C ARG D 136 20.02 3.32 20.32
N GLN D 137 19.47 2.13 20.11
CA GLN D 137 19.71 1.34 18.90
C GLN D 137 19.48 2.12 17.62
N TRP D 138 18.59 3.11 17.70
CA TRP D 138 18.37 4.04 16.59
C TRP D 138 19.32 5.23 16.70
N ASN D 139 20.61 4.89 16.77
CA ASN D 139 21.72 5.80 17.13
C ASN D 139 21.33 7.06 17.93
N ASN D 140 21.10 6.83 19.22
CA ASN D 140 20.62 7.83 20.18
C ASN D 140 19.45 8.68 19.71
N CYS D 141 18.35 8.02 19.39
CA CYS D 141 17.11 8.69 19.05
C CYS D 141 16.45 9.24 20.31
N ALA D 142 15.70 10.32 20.15
CA ALA D 142 14.98 10.94 21.27
C ALA D 142 13.86 10.04 21.76
N PHE D 143 13.77 9.86 23.08
CA PHE D 143 12.76 8.97 23.67
C PHE D 143 12.22 9.45 25.02
N LEU D 144 10.92 9.32 25.21
CA LEU D 144 10.28 9.59 26.50
C LEU D 144 8.93 8.89 26.64
N GLU D 145 8.55 8.59 27.87
CA GLU D 145 7.27 7.95 28.16
C GLU D 145 6.19 9.00 28.40
N SER D 146 4.97 8.71 27.94
CA SER D 146 3.92 9.71 27.88
C SER D 146 2.58 9.21 28.39
N SER D 147 1.75 10.14 28.85
CA SER D 147 0.39 9.82 29.24
C SER D 147 -0.57 10.91 28.80
N ALA D 148 -1.45 10.56 27.86
CA ALA D 148 -2.47 11.48 27.41
C ALA D 148 -3.48 11.78 28.51
N LYS D 149 -3.66 10.83 29.44
CA LYS D 149 -4.65 10.97 30.50
C LYS D 149 -4.18 11.88 31.64
N SER D 150 -2.92 11.74 32.03
CA SER D 150 -2.31 12.64 33.00
C SER D 150 -1.96 13.96 32.32
N LYS D 151 -0.73 14.08 31.85
CA LYS D 151 -0.22 15.27 31.19
C LYS D 151 1.24 15.01 30.92
N ILE D 152 1.75 13.96 31.54
CA ILE D 152 3.16 13.56 31.48
C ILE D 152 3.68 13.59 30.05
N ASN D 153 4.64 14.49 29.82
CA ASN D 153 5.37 14.63 28.57
C ASN D 153 4.57 14.81 27.28
N VAL D 154 3.29 15.13 27.39
CA VAL D 154 2.42 15.31 26.22
C VAL D 154 2.89 16.42 25.29
N ASN D 155 3.35 17.53 25.87
CA ASN D 155 3.87 18.66 25.10
C ASN D 155 5.27 18.38 24.56
N GLU D 156 6.17 17.95 25.44
CA GLU D 156 7.56 17.68 25.11
C GLU D 156 7.76 16.77 23.89
N ILE D 157 6.73 15.99 23.54
CA ILE D 157 6.70 15.22 22.30
C ILE D 157 7.03 16.11 21.11
N PHE D 158 6.20 17.13 20.92
CA PHE D 158 6.22 17.93 19.71
C PHE D 158 7.26 19.03 19.78
N TYR D 159 7.54 19.52 20.98
CA TYR D 159 8.57 20.53 21.16
C TYR D 159 9.92 19.95 20.77
N ASP D 160 10.18 18.71 21.19
CA ASP D 160 11.47 18.09 20.90
C ASP D 160 11.60 17.67 19.44
N LEU D 161 10.52 17.77 18.67
CA LEU D 161 10.58 17.55 17.22
C LEU D 161 10.96 18.86 16.52
N VAL D 162 10.34 19.94 16.96
CA VAL D 162 10.70 21.28 16.49
C VAL D 162 12.17 21.53 16.78
N ARG D 163 12.58 21.24 18.01
CA ARG D 163 13.97 21.33 18.42
C ARG D 163 14.92 20.55 17.51
N GLN D 164 14.42 19.46 16.92
CA GLN D 164 15.23 18.64 16.03
C GLN D 164 15.25 19.18 14.61
N ILE D 165 14.14 19.81 14.19
CA ILE D 165 14.05 20.43 12.87
C ILE D 165 14.86 21.72 12.83
N ASN D 166 14.91 22.43 13.97
CA ASN D 166 15.71 23.64 14.11
C ASN D 166 17.22 23.39 13.95
N ARG D 167 17.70 22.28 14.52
CA ARG D 167 19.08 21.82 14.34
C ARG D 167 19.37 21.45 12.86
#